data_5O4O
#
_entry.id   5O4O
#
_cell.length_a   64.380
_cell.length_b   144.020
_cell.length_c   218.756
_cell.angle_alpha   90.00
_cell.angle_beta   97.91
_cell.angle_gamma   90.00
#
_symmetry.space_group_name_H-M   'I 1 2 1'
#
loop_
_entity.id
_entity.type
_entity.pdbx_description
1 polymer 'MF3178 FAB light chain'
2 polymer 'MF3178 FAB heavy chain'
3 polymer 'Receptor tyrosine-protein kinase erbB-3'
4 branched 2-acetamido-2-deoxy-beta-D-glucopyranose-(1-4)-2-acetamido-2-deoxy-beta-D-glucopyranose
5 non-polymer 2-acetamido-2-deoxy-beta-D-glucopyranose
#
loop_
_entity_poly.entity_id
_entity_poly.type
_entity_poly.pdbx_seq_one_letter_code
_entity_poly.pdbx_strand_id
1 'polypeptide(L)'
;DIQMTQSPSSLSASVGDRVTITCRASQSISSYLNWYQQKPGKAPKLLIYAASSLQSGVPSRFSGSGSGTDFTLTISSLQP
EDFATYYCQQSYSTPPTFGQGTKVEIKRTVAAPSVFIFPPSDEQLKSGTASVVCLLNNFYPREAKVQWKVDNALQSGNSQ
ESVTEQDSKDSTYSLSSTLTLSKADYEKHKVYACEVTHQGLSSPVTKSFNRGEC
;
A
2 'polypeptide(L)'
;MGWSCIILFLVLLLAQPAMAQVQLVQSGAEVKKPGASVKVSCKASGYTFTGYYMHWVRQAPGQGLEWMGWINPNSGGTNY
AQKFQGRVTMTRDTSISTAYMELSRLRSDDTAVYYCARDHGSRHFWSYWGFDYWGQGTLVTVSSASTKGPSVFPLAPSSK
STSGGTAALGCLVKDYFPEPVTVSWNSGALTSGVHTFPAVLQSSGLYSLSSVVTVPSSSLGTQTYICNVNHKPSNTKVDK
RVEPKSCAAA
;
B
3 'polypeptide(L)'
;MRANDALQVLGLLFSLARGSEVGNSQAVCPGTLNGLSVTGDAENQYQTLYKLYERCEVVMGNLEIVLTGHNADLSFLQWI
REVTGYVLVAMNEFSTLPLPNLRVVRGTQVYDGKFAIFVMLNYNTNSSHALRQLRLTQLTEILSGGVYIEKNDKLCHMDT
IDWRDIVRDRDAEIVVKDNGRSCPPCHEVCKGRCWGPGSEDCQTLTKTICAPQCNGHCFGPNPNQCCHDECAGGCSGPQD
TDCFACRHFNDSGACVPRCPQPLVYNKLTFQLEPNPHTKYQYGGVCVASCPHNFVVDQTSCVRACPPDKMEVDKNGLKMC
EPCGGLCPKACEGTGSGSRFQTVDSSNIDGFVNCTKILGNLDFLITGLNGDPWHKIPALDPEKLNVFRTVREITGYLNIQ
SWPPHMHNFSVFSNLTTIGGRSLYNRGFSLLIMKNLNVTSLGFRSLKEISAGRIYISANRQLCYHHSLNWTKVLRGPTEE
RLDIKHNRPRRDCVAEGKVCDPLCSSGGCWGPGPGQCLSCRNYSRGGVCVTHCNFLNGEPREFAHEAECFSCHPECQPME
GTATCNGSGSDTCAQCAHFRDGPHCVSSCPHGVLGAKGPIYKYPDVQNECRPCHENCTQGCKGPELQDCLGQTLVLIGKT
HLTHHHHHH
;
C
#
loop_
_chem_comp.id
_chem_comp.type
_chem_comp.name
_chem_comp.formula
NAG D-saccharide, beta linking 2-acetamido-2-deoxy-beta-D-glucopyranose 'C8 H15 N O6'
#
# COMPACT_ATOMS: atom_id res chain seq x y z
N ASP A 1 0.45 8.09 3.47
CA ASP A 1 1.84 7.67 3.29
C ASP A 1 2.01 6.18 3.59
N ILE A 2 0.95 5.57 4.12
CA ILE A 2 0.92 4.16 4.48
C ILE A 2 2.03 3.86 5.49
N GLN A 3 1.74 4.05 6.76
CA GLN A 3 2.73 3.81 7.81
C GLN A 3 2.77 2.34 8.18
N MET A 4 3.97 1.78 8.25
CA MET A 4 4.15 0.40 8.67
C MET A 4 4.28 0.33 10.19
N THR A 5 3.63 -0.68 10.77
CA THR A 5 3.66 -0.91 12.22
C THR A 5 4.17 -2.32 12.47
N GLN A 6 5.41 -2.42 12.94
CA GLN A 6 6.01 -3.72 13.24
C GLN A 6 5.85 -4.06 14.71
N SER A 7 5.69 -5.35 14.99
CA SER A 7 5.51 -5.84 16.33
C SER A 7 6.12 -7.24 16.41
N PRO A 8 6.91 -7.54 17.46
CA PRO A 8 7.26 -6.62 18.54
C PRO A 8 8.47 -5.76 18.20
N SER A 9 8.70 -4.69 18.98
CA SER A 9 9.87 -3.84 18.75
C SER A 9 11.16 -4.60 19.01
N SER A 10 11.26 -5.25 20.18
CA SER A 10 12.39 -6.07 20.52
C SER A 10 11.92 -7.50 20.78
N LEU A 11 12.86 -8.44 20.71
CA LEU A 11 12.53 -9.86 20.86
C LEU A 11 13.76 -10.60 21.35
N SER A 12 13.60 -11.36 22.43
CA SER A 12 14.67 -12.17 23.00
C SER A 12 14.35 -13.64 22.72
N ALA A 13 15.18 -14.28 21.90
CA ALA A 13 14.97 -15.67 21.54
C ALA A 13 16.33 -16.35 21.38
N SER A 14 16.34 -17.66 21.62
CA SER A 14 17.57 -18.44 21.57
C SER A 14 17.67 -19.20 20.25
N VAL A 15 18.84 -19.81 20.04
CA VAL A 15 19.10 -20.56 18.81
C VAL A 15 18.20 -21.77 18.77
N GLY A 16 17.40 -21.88 17.70
CA GLY A 16 16.49 -23.00 17.52
C GLY A 16 15.04 -22.66 17.70
N ASP A 17 14.72 -21.47 18.21
CA ASP A 17 13.34 -21.08 18.42
C ASP A 17 12.70 -20.62 17.10
N ARG A 18 11.38 -20.69 17.06
CA ARG A 18 10.60 -20.16 15.95
C ARG A 18 10.08 -18.78 16.34
N VAL A 19 10.56 -17.74 15.65
CA VAL A 19 10.16 -16.38 15.95
C VAL A 19 9.21 -15.90 14.87
N THR A 20 8.41 -14.89 15.21
CA THR A 20 7.37 -14.40 14.32
C THR A 20 7.21 -12.89 14.55
N ILE A 21 7.54 -12.10 13.54
CA ILE A 21 7.34 -10.66 13.58
C ILE A 21 6.22 -10.29 12.63
N THR A 22 5.49 -9.24 12.97
CA THR A 22 4.28 -8.85 12.26
C THR A 22 4.43 -7.42 11.74
N CYS A 23 4.04 -7.20 10.49
CA CYS A 23 4.07 -5.90 9.84
C CYS A 23 2.64 -5.55 9.44
N ARG A 24 2.09 -4.49 10.03
CA ARG A 24 0.73 -4.07 9.78
C ARG A 24 0.71 -2.79 8.98
N ALA A 25 -0.04 -2.78 7.88
CA ALA A 25 -0.18 -1.62 7.03
C ALA A 25 -1.39 -0.79 7.47
N SER A 26 -1.27 0.53 7.30
CA SER A 26 -2.38 1.41 7.66
C SER A 26 -3.55 1.24 6.71
N GLN A 27 -3.29 0.94 5.45
CA GLN A 27 -4.32 0.68 4.46
C GLN A 27 -3.95 -0.57 3.67
N SER A 28 -4.89 -1.04 2.85
CA SER A 28 -4.64 -2.24 2.06
C SER A 28 -3.56 -1.97 1.02
N ILE A 29 -2.56 -2.85 0.99
CA ILE A 29 -1.42 -2.72 0.09
C ILE A 29 -1.29 -3.93 -0.83
N SER A 30 -2.36 -4.72 -0.96
CA SER A 30 -2.39 -5.91 -1.81
C SER A 30 -1.29 -6.87 -1.34
N SER A 31 -0.29 -7.18 -2.15
CA SER A 31 0.80 -8.07 -1.76
C SER A 31 2.15 -7.44 -2.01
N TYR A 32 2.22 -6.10 -1.99
CA TYR A 32 3.46 -5.37 -2.24
C TYR A 32 4.12 -5.05 -0.89
N LEU A 33 4.85 -6.03 -0.37
CA LEU A 33 5.54 -5.88 0.90
C LEU A 33 6.79 -6.75 0.89
N ASN A 34 7.92 -6.16 1.28
CA ASN A 34 9.20 -6.84 1.32
C ASN A 34 9.71 -6.91 2.75
N TRP A 35 10.71 -7.77 2.96
CA TRP A 35 11.35 -7.93 4.26
C TRP A 35 12.86 -7.80 4.10
N TYR A 36 13.50 -7.23 5.12
CA TYR A 36 14.93 -6.99 5.07
C TYR A 36 15.57 -7.38 6.39
N GLN A 37 16.85 -7.74 6.32
CA GLN A 37 17.68 -8.02 7.49
C GLN A 37 18.86 -7.08 7.48
N GLN A 38 19.13 -6.44 8.61
CA GLN A 38 20.22 -5.47 8.72
C GLN A 38 21.12 -5.88 9.87
N LYS A 39 22.31 -6.39 9.53
CA LYS A 39 23.33 -6.63 10.53
C LYS A 39 23.82 -5.30 11.10
N PRO A 40 24.30 -5.29 12.34
CA PRO A 40 24.81 -4.04 12.93
C PRO A 40 25.97 -3.48 12.12
N GLY A 41 25.76 -2.27 11.58
CA GLY A 41 26.78 -1.61 10.79
C GLY A 41 26.81 -1.98 9.32
N LYS A 42 25.99 -2.92 8.88
CA LYS A 42 25.96 -3.36 7.50
C LYS A 42 24.69 -2.87 6.81
N ALA A 43 24.70 -2.91 5.49
CA ALA A 43 23.54 -2.50 4.71
C ALA A 43 22.46 -3.58 4.77
N PRO A 44 21.20 -3.20 4.61
CA PRO A 44 20.12 -4.20 4.68
C PRO A 44 20.23 -5.23 3.57
N LYS A 45 19.76 -6.44 3.85
CA LYS A 45 19.75 -7.55 2.92
C LYS A 45 18.32 -7.97 2.65
N LEU A 46 18.00 -8.21 1.38
CA LEU A 46 16.64 -8.56 0.98
C LEU A 46 16.38 -10.03 1.28
N LEU A 47 15.36 -10.30 2.09
CA LEU A 47 15.02 -11.68 2.44
C LEU A 47 13.84 -12.18 1.64
N ILE A 48 12.67 -11.56 1.85
CA ILE A 48 11.44 -11.92 1.18
C ILE A 48 10.90 -10.70 0.45
N TYR A 49 10.57 -10.86 -0.82
CA TYR A 49 9.89 -9.84 -1.60
C TYR A 49 8.53 -10.38 -2.03
N ALA A 50 7.63 -9.45 -2.37
CA ALA A 50 6.27 -9.78 -2.80
C ALA A 50 5.57 -10.67 -1.77
N ALA A 51 5.66 -10.24 -0.50
CA ALA A 51 4.97 -10.86 0.63
C ALA A 51 5.46 -12.27 0.95
N SER A 52 5.60 -13.13 -0.07
CA SER A 52 5.89 -14.53 0.20
C SER A 52 7.11 -15.04 -0.57
N SER A 53 7.43 -14.43 -1.70
CA SER A 53 8.51 -14.93 -2.55
C SER A 53 9.85 -14.78 -1.86
N LEU A 54 10.61 -15.87 -1.82
CA LEU A 54 11.91 -15.90 -1.16
C LEU A 54 13.00 -15.47 -2.13
N GLN A 55 13.81 -14.49 -1.72
CA GLN A 55 14.90 -14.02 -2.56
C GLN A 55 15.97 -15.10 -2.70
N SER A 56 16.54 -15.21 -3.90
CA SER A 56 17.56 -16.22 -4.16
C SER A 56 18.78 -15.99 -3.28
N GLY A 57 19.18 -17.03 -2.55
CA GLY A 57 20.31 -16.95 -1.65
C GLY A 57 19.90 -17.08 -0.20
N VAL A 58 18.77 -16.49 0.15
CA VAL A 58 18.27 -16.58 1.53
C VAL A 58 17.85 -18.02 1.82
N PRO A 59 18.21 -18.58 2.97
CA PRO A 59 17.83 -19.96 3.26
C PRO A 59 16.33 -20.17 3.30
N SER A 60 15.93 -21.44 3.19
CA SER A 60 14.51 -21.79 3.14
C SER A 60 13.81 -21.62 4.48
N ARG A 61 14.53 -21.37 5.56
CA ARG A 61 13.87 -21.15 6.84
C ARG A 61 13.19 -19.79 6.90
N PHE A 62 13.61 -18.84 6.07
CA PHE A 62 12.93 -17.55 5.96
C PHE A 62 11.71 -17.69 5.08
N SER A 63 10.55 -17.30 5.60
CA SER A 63 9.31 -17.43 4.85
C SER A 63 8.38 -16.28 5.22
N GLY A 64 7.64 -15.78 4.22
CA GLY A 64 6.68 -14.72 4.45
C GLY A 64 5.28 -15.15 4.08
N SER A 65 4.28 -14.43 4.60
CA SER A 65 2.88 -14.76 4.35
C SER A 65 2.04 -13.52 4.61
N GLY A 66 0.77 -13.62 4.22
CA GLY A 66 -0.18 -12.55 4.44
C GLY A 66 -0.42 -11.71 3.20
N SER A 67 -1.51 -10.96 3.22
CA SER A 67 -1.88 -10.09 2.12
C SER A 67 -2.88 -9.06 2.62
N GLY A 68 -2.91 -7.91 1.95
CA GLY A 68 -3.85 -6.85 2.30
C GLY A 68 -3.31 -5.89 3.35
N THR A 69 -3.43 -6.26 4.62
CA THR A 69 -3.00 -5.41 5.73
C THR A 69 -2.04 -6.12 6.68
N ASP A 70 -2.34 -7.36 7.05
CA ASP A 70 -1.52 -8.10 8.01
C ASP A 70 -0.52 -8.97 7.26
N PHE A 71 0.77 -8.74 7.52
CA PHE A 71 1.84 -9.53 6.96
C PHE A 71 2.68 -10.13 8.08
N THR A 72 3.43 -11.18 7.76
CA THR A 72 4.15 -11.93 8.78
C THR A 72 5.42 -12.52 8.19
N LEU A 73 6.55 -12.24 8.84
CA LEU A 73 7.84 -12.85 8.51
C LEU A 73 8.13 -13.92 9.55
N THR A 74 8.10 -15.18 9.12
CA THR A 74 8.31 -16.31 10.01
C THR A 74 9.58 -17.05 9.61
N ILE A 75 10.49 -17.22 10.57
CA ILE A 75 11.69 -18.01 10.39
C ILE A 75 11.71 -19.08 11.48
N SER A 76 11.99 -20.32 11.09
CA SER A 76 12.01 -21.45 12.00
C SER A 76 13.44 -21.84 12.33
N SER A 77 13.67 -22.24 13.58
CA SER A 77 15.00 -22.58 14.07
C SER A 77 15.98 -21.43 13.86
N LEU A 78 16.04 -20.51 14.82
CA LEU A 78 16.96 -19.39 14.73
C LEU A 78 18.40 -19.88 14.63
N GLN A 79 19.20 -19.14 13.90
CA GLN A 79 20.61 -19.41 13.69
C GLN A 79 21.43 -18.21 14.16
N PRO A 80 22.69 -18.43 14.55
CA PRO A 80 23.52 -17.31 15.00
C PRO A 80 23.66 -16.20 13.96
N GLU A 81 23.64 -16.52 12.67
CA GLU A 81 23.71 -15.51 11.63
C GLU A 81 22.40 -14.75 11.47
N ASP A 82 21.34 -15.15 12.16
CA ASP A 82 20.02 -14.54 12.00
C ASP A 82 19.69 -13.58 13.14
N PHE A 83 20.65 -13.23 13.99
CA PHE A 83 20.44 -12.25 15.05
C PHE A 83 20.78 -10.88 14.49
N ALA A 84 19.76 -10.12 14.11
CA ALA A 84 19.93 -8.80 13.51
C ALA A 84 18.63 -8.03 13.67
N THR A 85 18.49 -6.95 12.91
CA THR A 85 17.28 -6.14 12.89
C THR A 85 16.56 -6.37 11.58
N TYR A 86 15.23 -6.55 11.65
CA TYR A 86 14.42 -6.89 10.50
C TYR A 86 13.41 -5.79 10.22
N TYR A 87 13.42 -5.27 9.00
CA TYR A 87 12.49 -4.24 8.57
C TYR A 87 11.55 -4.78 7.50
N CYS A 88 10.34 -4.25 7.48
CA CYS A 88 9.38 -4.51 6.41
C CYS A 88 9.19 -3.25 5.59
N GLN A 89 9.11 -3.41 4.27
CA GLN A 89 8.96 -2.30 3.35
C GLN A 89 7.70 -2.51 2.51
N GLN A 90 6.89 -1.46 2.38
CA GLN A 90 5.75 -1.48 1.49
C GLN A 90 6.12 -0.79 0.18
N SER A 91 5.64 -1.34 -0.93
CA SER A 91 5.91 -0.77 -2.25
C SER A 91 4.61 -0.52 -3.02
N TYR A 92 3.48 -0.44 -2.30
CA TYR A 92 2.19 -0.20 -2.94
C TYR A 92 2.03 1.24 -3.40
N SER A 93 2.24 2.19 -2.49
CA SER A 93 2.17 3.60 -2.84
C SER A 93 3.54 4.12 -3.27
N THR A 94 3.54 5.33 -3.83
CA THR A 94 4.76 5.85 -4.43
C THR A 94 5.91 6.10 -3.44
N PRO A 95 5.70 6.42 -2.16
CA PRO A 95 6.84 6.52 -1.24
C PRO A 95 6.98 5.26 -0.42
N PRO A 96 7.98 4.42 -0.71
CA PRO A 96 8.18 3.19 0.08
C PRO A 96 8.42 3.52 1.54
N THR A 97 7.59 2.94 2.40
CA THR A 97 7.66 3.17 3.84
C THR A 97 8.18 1.90 4.52
N PHE A 98 9.10 2.08 5.46
CA PHE A 98 9.65 0.98 6.23
C PHE A 98 9.00 0.92 7.61
N GLY A 99 9.12 -0.25 8.23
CA GLY A 99 8.66 -0.40 9.60
C GLY A 99 9.71 0.04 10.60
N GLN A 100 9.28 0.15 11.86
CA GLN A 100 10.21 0.55 12.91
C GLN A 100 11.32 -0.47 13.12
N GLY A 101 11.09 -1.73 12.76
CA GLY A 101 12.12 -2.73 12.82
C GLY A 101 12.11 -3.56 14.09
N THR A 102 12.14 -4.87 13.96
CA THR A 102 12.26 -5.79 15.08
C THR A 102 13.72 -6.19 15.26
N LYS A 103 14.17 -6.21 16.51
CA LYS A 103 15.56 -6.53 16.83
C LYS A 103 15.58 -7.80 17.67
N VAL A 104 15.91 -8.93 17.03
CA VAL A 104 16.01 -10.19 17.74
C VAL A 104 17.32 -10.23 18.51
N GLU A 105 17.25 -10.64 19.77
CA GLU A 105 18.41 -10.66 20.66
C GLU A 105 18.60 -12.07 21.21
N ILE A 106 19.85 -12.39 21.54
CA ILE A 106 20.19 -13.71 22.07
C ILE A 106 19.64 -13.84 23.48
N LYS A 107 18.85 -14.87 23.72
CA LYS A 107 18.37 -15.16 25.06
C LYS A 107 19.54 -15.59 25.94
N ARG A 108 19.44 -15.28 27.23
CA ARG A 108 20.52 -15.59 28.15
C ARG A 108 19.99 -15.61 29.57
N THR A 109 20.76 -16.22 30.45
CA THR A 109 20.45 -16.20 31.88
C THR A 109 20.83 -14.85 32.47
N VAL A 110 20.12 -14.47 33.55
CA VAL A 110 20.32 -13.17 34.17
C VAL A 110 21.72 -13.11 34.77
N ALA A 111 22.50 -12.11 34.36
CA ALA A 111 23.84 -11.90 34.85
C ALA A 111 23.94 -10.52 35.49
N ALA A 112 24.64 -10.44 36.63
CA ALA A 112 24.79 -9.20 37.38
C ALA A 112 25.96 -8.38 36.85
N PRO A 113 25.86 -7.05 36.90
CA PRO A 113 26.95 -6.21 36.40
C PRO A 113 28.06 -6.04 37.41
N SER A 114 29.25 -5.76 36.90
CA SER A 114 30.42 -5.46 37.71
C SER A 114 30.58 -3.94 37.71
N VAL A 115 30.20 -3.29 38.81
CA VAL A 115 30.14 -1.84 38.87
C VAL A 115 31.53 -1.29 39.21
N PHE A 116 32.00 -0.34 38.40
CA PHE A 116 33.24 0.36 38.65
C PHE A 116 32.99 1.86 38.52
N ILE A 117 33.62 2.65 39.39
CA ILE A 117 33.51 4.10 39.35
C ILE A 117 34.90 4.67 39.13
N PHE A 118 34.98 5.74 38.34
CA PHE A 118 36.25 6.34 37.95
C PHE A 118 36.23 7.83 38.25
N PRO A 119 37.07 8.30 39.17
CA PRO A 119 37.16 9.75 39.42
C PRO A 119 37.78 10.46 38.24
N PRO A 120 37.56 11.76 38.10
CA PRO A 120 38.16 12.49 36.98
C PRO A 120 39.66 12.65 37.16
N SER A 121 40.39 12.49 36.06
CA SER A 121 41.84 12.59 36.11
C SER A 121 42.28 14.02 36.35
N ASP A 122 43.51 14.17 36.85
CA ASP A 122 44.04 15.51 37.13
C ASP A 122 44.36 16.26 35.85
N GLU A 123 44.71 15.55 34.78
CA GLU A 123 44.91 16.21 33.49
C GLU A 123 43.62 16.85 33.00
N GLN A 124 42.47 16.25 33.31
CA GLN A 124 41.18 16.82 32.93
C GLN A 124 40.79 18.00 33.82
N LEU A 125 41.15 17.95 35.10
CA LEU A 125 40.83 19.06 35.99
C LEU A 125 41.62 20.31 35.64
N LYS A 126 42.78 20.15 34.98
CA LYS A 126 43.54 21.30 34.52
C LYS A 126 42.77 22.10 33.46
N SER A 127 41.90 21.42 32.71
CA SER A 127 41.15 22.09 31.66
C SER A 127 39.97 22.88 32.19
N GLY A 128 39.38 22.44 33.31
CA GLY A 128 38.24 23.13 33.88
C GLY A 128 36.94 22.37 33.75
N THR A 129 37.04 21.05 33.62
CA THR A 129 35.86 20.19 33.50
C THR A 129 36.14 18.89 34.26
N ALA A 130 35.08 18.30 34.80
CA ALA A 130 35.19 17.06 35.55
C ALA A 130 34.16 16.07 35.03
N SER A 131 34.63 14.86 34.70
CA SER A 131 33.75 13.79 34.22
C SER A 131 34.00 12.55 35.07
N VAL A 132 32.96 12.11 35.76
CA VAL A 132 33.00 10.89 36.58
C VAL A 132 32.30 9.78 35.79
N VAL A 133 32.94 8.61 35.73
CA VAL A 133 32.48 7.50 34.92
C VAL A 133 32.04 6.37 35.85
N CYS A 134 30.83 5.86 35.64
CA CYS A 134 30.30 4.70 36.34
C CYS A 134 30.12 3.58 35.32
N LEU A 135 30.81 2.46 35.52
CA LEU A 135 30.89 1.38 34.55
C LEU A 135 30.03 0.20 34.99
N LEU A 136 29.24 -0.33 34.06
CA LEU A 136 28.48 -1.57 34.25
C LEU A 136 28.94 -2.55 33.19
N ASN A 137 29.70 -3.57 33.59
CA ASN A 137 30.39 -4.44 32.66
C ASN A 137 29.80 -5.85 32.70
N ASN A 138 29.41 -6.36 31.53
CA ASN A 138 28.96 -7.73 31.35
C ASN A 138 27.78 -8.08 32.24
N PHE A 139 26.56 -7.87 31.73
CA PHE A 139 25.35 -8.15 32.48
C PHE A 139 24.21 -8.44 31.51
N TYR A 140 23.15 -9.04 32.04
CA TYR A 140 21.96 -9.38 31.27
C TYR A 140 20.78 -9.38 32.23
N PRO A 141 19.62 -8.83 31.83
CA PRO A 141 19.31 -8.22 30.53
C PRO A 141 19.88 -6.82 30.34
N ARG A 142 19.45 -6.16 29.26
CA ARG A 142 19.93 -4.81 28.96
C ARG A 142 19.34 -3.78 29.91
N GLU A 143 18.16 -4.05 30.45
CA GLU A 143 17.49 -3.09 31.32
C GLU A 143 18.26 -2.92 32.63
N ALA A 144 18.52 -1.67 33.00
CA ALA A 144 19.23 -1.34 34.23
C ALA A 144 18.76 0.03 34.71
N LYS A 145 19.31 0.46 35.85
CA LYS A 145 18.95 1.73 36.45
C LYS A 145 20.15 2.31 37.15
N VAL A 146 20.58 3.49 36.74
CA VAL A 146 21.76 4.15 37.30
C VAL A 146 21.33 5.53 37.81
N GLN A 147 21.54 5.77 39.09
CA GLN A 147 21.29 7.06 39.73
C GLN A 147 22.56 7.55 40.40
N TRP A 148 22.86 8.83 40.20
CA TRP A 148 24.03 9.45 40.82
C TRP A 148 23.65 10.10 42.14
N LYS A 149 24.58 10.04 43.10
CA LYS A 149 24.39 10.67 44.40
C LYS A 149 25.63 11.48 44.73
N VAL A 150 25.53 12.80 44.63
CA VAL A 150 26.62 13.70 44.98
C VAL A 150 26.33 14.22 46.39
N ASP A 151 27.00 13.62 47.38
CA ASP A 151 26.73 13.89 48.79
C ASP A 151 25.26 13.61 49.13
N ASN A 152 24.82 12.41 48.79
CA ASN A 152 23.45 11.95 49.05
C ASN A 152 22.40 12.85 48.40
N ALA A 153 22.73 13.45 47.26
CA ALA A 153 21.81 14.30 46.51
C ALA A 153 21.56 13.69 45.14
N LEU A 154 20.28 13.50 44.81
CA LEU A 154 19.92 12.92 43.53
C LEU A 154 20.26 13.87 42.39
N GLN A 155 20.89 13.34 41.35
CA GLN A 155 21.30 14.13 40.20
C GLN A 155 20.49 13.73 38.98
N SER A 156 20.27 14.69 38.08
CA SER A 156 19.51 14.45 36.86
C SER A 156 19.83 15.53 35.85
N GLY A 157 19.69 15.18 34.57
CA GLY A 157 19.91 16.13 33.50
C GLY A 157 21.35 16.49 33.25
N ASN A 158 22.30 15.85 33.93
CA ASN A 158 23.72 16.13 33.74
C ASN A 158 24.54 14.86 33.53
N SER A 159 23.90 13.73 33.28
CA SER A 159 24.58 12.47 33.02
C SER A 159 24.01 11.82 31.78
N GLN A 160 24.87 11.14 31.03
CA GLN A 160 24.47 10.43 29.82
C GLN A 160 25.06 9.02 29.83
N GLU A 161 24.34 8.09 29.21
CA GLU A 161 24.70 6.69 29.22
C GLU A 161 24.98 6.21 27.79
N SER A 162 25.65 5.06 27.71
CA SER A 162 25.95 4.44 26.43
C SER A 162 26.07 2.93 26.65
N VAL A 163 25.39 2.15 25.81
CA VAL A 163 25.33 0.71 25.96
C VAL A 163 26.01 0.05 24.77
N THR A 164 26.65 -1.09 25.02
CA THR A 164 27.27 -1.89 23.97
C THR A 164 26.32 -2.98 23.50
N GLU A 165 26.48 -3.37 22.24
CA GLU A 165 25.72 -4.48 21.67
C GLU A 165 26.15 -5.79 22.31
N GLN A 166 25.29 -6.80 22.18
CA GLN A 166 25.56 -8.10 22.78
C GLN A 166 26.92 -8.63 22.37
N ASP A 167 27.66 -9.15 23.34
CA ASP A 167 29.00 -9.66 23.07
C ASP A 167 28.93 -10.91 22.19
N SER A 168 29.98 -11.10 21.39
CA SER A 168 30.02 -12.23 20.47
C SER A 168 30.15 -13.56 21.19
N LYS A 169 30.55 -13.55 22.47
CA LYS A 169 30.76 -14.78 23.21
C LYS A 169 29.65 -15.00 24.24
N ASP A 170 29.73 -14.31 25.39
CA ASP A 170 28.77 -14.51 26.46
C ASP A 170 27.46 -13.78 26.24
N SER A 171 27.37 -12.94 25.20
CA SER A 171 26.13 -12.26 24.84
C SER A 171 25.62 -11.37 25.98
N THR A 172 26.53 -10.60 26.57
CA THR A 172 26.20 -9.70 27.66
C THR A 172 26.45 -8.25 27.23
N TYR A 173 25.72 -7.34 27.86
CA TYR A 173 25.82 -5.92 27.55
C TYR A 173 26.84 -5.24 28.45
N SER A 174 27.14 -3.98 28.12
CA SER A 174 28.00 -3.15 28.94
C SER A 174 27.51 -1.71 28.84
N LEU A 175 27.46 -1.03 29.98
CA LEU A 175 26.90 0.32 30.06
C LEU A 175 27.85 1.22 30.85
N SER A 176 27.99 2.46 30.40
CA SER A 176 28.82 3.45 31.06
C SER A 176 28.05 4.75 31.18
N SER A 177 27.94 5.25 32.41
CA SER A 177 27.27 6.51 32.70
C SER A 177 28.30 7.54 33.12
N THR A 178 28.33 8.67 32.40
CA THR A 178 29.32 9.72 32.63
C THR A 178 28.62 10.96 33.15
N LEU A 179 29.11 11.47 34.28
CA LEU A 179 28.57 12.68 34.90
C LEU A 179 29.54 13.83 34.63
N THR A 180 29.11 14.79 33.80
CA THR A 180 29.94 15.91 33.39
C THR A 180 29.66 17.10 34.29
N LEU A 181 30.70 17.63 34.93
CA LEU A 181 30.58 18.78 35.81
C LEU A 181 31.74 19.73 35.55
N SER A 182 31.52 21.01 35.84
CA SER A 182 32.60 21.97 35.83
C SER A 182 33.47 21.78 37.07
N LYS A 183 34.72 22.26 36.98
CA LYS A 183 35.63 22.10 38.11
C LYS A 183 35.15 22.86 39.34
N ALA A 184 34.42 23.96 39.14
CA ALA A 184 33.89 24.70 40.27
C ALA A 184 32.87 23.87 41.04
N ASP A 185 32.01 23.14 40.34
CA ASP A 185 31.01 22.31 41.01
C ASP A 185 31.65 21.07 41.62
N TYR A 186 32.65 20.49 40.94
CA TYR A 186 33.26 19.26 41.42
C TYR A 186 34.04 19.48 42.71
N GLU A 187 34.60 20.66 42.90
CA GLU A 187 35.37 20.97 44.09
C GLU A 187 34.50 21.36 45.29
N LYS A 188 33.18 21.25 45.17
CA LYS A 188 32.27 21.61 46.26
C LYS A 188 31.97 20.43 47.18
N HIS A 189 31.73 19.25 46.61
CA HIS A 189 31.23 18.11 47.36
C HIS A 189 32.31 17.04 47.51
N LYS A 190 32.23 16.30 48.61
CA LYS A 190 33.25 15.32 48.96
C LYS A 190 32.98 13.94 48.36
N VAL A 191 31.76 13.43 48.52
CA VAL A 191 31.43 12.05 48.19
C VAL A 191 30.65 12.00 46.89
N TYR A 192 31.10 11.16 45.95
CA TYR A 192 30.40 10.88 44.71
C TYR A 192 30.08 9.39 44.66
N ALA A 193 28.91 9.06 44.13
CA ALA A 193 28.48 7.67 44.10
C ALA A 193 27.40 7.48 43.05
N CYS A 194 27.41 6.30 42.41
CA CYS A 194 26.36 5.88 41.50
C CYS A 194 25.68 4.65 42.08
N GLU A 195 24.35 4.66 42.09
CA GLU A 195 23.54 3.58 42.64
C GLU A 195 22.96 2.77 41.49
N VAL A 196 23.31 1.49 41.40
CA VAL A 196 22.94 0.64 40.28
C VAL A 196 21.86 -0.33 40.75
N THR A 197 20.76 -0.40 40.00
CA THR A 197 19.65 -1.31 40.28
C THR A 197 19.48 -2.23 39.08
N HIS A 198 19.58 -3.54 39.33
CA HIS A 198 19.49 -4.52 38.25
C HIS A 198 18.78 -5.77 38.76
N GLN A 199 18.26 -6.55 37.81
CA GLN A 199 17.63 -7.82 38.14
C GLN A 199 18.63 -8.81 38.73
N GLY A 200 19.86 -8.81 38.21
CA GLY A 200 20.89 -9.70 38.69
C GLY A 200 21.46 -9.36 40.06
N LEU A 201 21.05 -8.25 40.66
CA LEU A 201 21.53 -7.83 41.96
C LEU A 201 20.46 -8.11 43.01
N SER A 202 20.88 -8.70 44.14
CA SER A 202 19.96 -8.92 45.25
C SER A 202 19.57 -7.63 45.95
N SER A 203 20.41 -6.60 45.84
CA SER A 203 20.13 -5.29 46.41
C SER A 203 20.95 -4.26 45.63
N PRO A 204 20.42 -3.05 45.44
CA PRO A 204 21.15 -2.06 44.63
C PRO A 204 22.54 -1.79 45.17
N VAL A 205 23.53 -1.82 44.26
CA VAL A 205 24.93 -1.64 44.60
C VAL A 205 25.32 -0.19 44.37
N THR A 206 26.11 0.37 45.29
CA THR A 206 26.54 1.77 45.22
C THR A 206 28.05 1.82 45.38
N LYS A 207 28.74 2.36 44.38
CA LYS A 207 30.18 2.54 44.41
C LYS A 207 30.50 4.00 44.67
N SER A 208 31.31 4.26 45.69
CA SER A 208 31.59 5.62 46.14
C SER A 208 33.08 5.90 46.11
N PHE A 209 33.41 7.20 46.14
CA PHE A 209 34.78 7.67 46.31
C PHE A 209 34.73 9.09 46.84
N ASN A 210 35.88 9.59 47.26
CA ASN A 210 36.00 10.92 47.81
C ASN A 210 37.04 11.72 47.03
N ARG A 211 36.77 13.02 46.87
CA ARG A 211 37.69 13.88 46.13
C ARG A 211 39.03 13.99 46.86
N GLY A 212 40.11 13.77 46.13
CA GLY A 212 41.44 13.82 46.69
C GLY A 212 41.91 12.55 47.36
N GLU A 213 40.99 11.70 47.81
CA GLU A 213 41.36 10.47 48.49
C GLU A 213 41.48 9.31 47.51
N GLN B 21 30.42 -10.28 -10.31
CA GLN B 21 29.22 -10.16 -9.50
C GLN B 21 28.78 -8.71 -9.39
N VAL B 22 27.56 -8.50 -8.89
CA VAL B 22 27.02 -7.16 -8.74
C VAL B 22 27.64 -6.49 -7.51
N GLN B 23 28.00 -5.22 -7.64
CA GLN B 23 28.64 -4.50 -6.55
C GLN B 23 28.45 -3.01 -6.77
N LEU B 24 28.01 -2.31 -5.71
CA LEU B 24 27.77 -0.87 -5.75
C LEU B 24 28.75 -0.19 -4.80
N VAL B 25 29.54 0.74 -5.34
CA VAL B 25 30.58 1.43 -4.58
C VAL B 25 30.20 2.91 -4.48
N GLN B 26 30.17 3.43 -3.26
CA GLN B 26 29.83 4.82 -2.99
C GLN B 26 31.08 5.61 -2.63
N SER B 27 30.90 6.92 -2.52
CA SER B 27 32.00 7.81 -2.18
C SER B 27 32.30 7.76 -0.68
N GLY B 28 33.37 8.45 -0.28
CA GLY B 28 33.78 8.46 1.10
C GLY B 28 32.87 9.30 1.97
N ALA B 29 33.16 9.28 3.27
CA ALA B 29 32.36 10.01 4.23
C ALA B 29 32.52 11.52 4.03
N GLU B 30 31.46 12.25 4.33
CA GLU B 30 31.43 13.70 4.16
C GLU B 30 31.04 14.38 5.46
N VAL B 31 31.62 15.56 5.70
CA VAL B 31 31.29 16.40 6.84
C VAL B 31 30.94 17.78 6.32
N LYS B 32 29.71 18.21 6.57
CA LYS B 32 29.20 19.47 6.02
C LYS B 32 28.67 20.34 7.15
N LYS B 33 28.60 21.64 6.86
CA LYS B 33 28.04 22.65 7.75
C LYS B 33 26.59 22.94 7.37
N PRO B 34 25.75 23.29 8.35
CA PRO B 34 24.34 23.53 8.06
C PRO B 34 24.16 24.63 7.02
N GLY B 35 23.56 24.26 5.90
CA GLY B 35 23.40 25.16 4.76
C GLY B 35 24.21 24.79 3.54
N ALA B 36 25.20 23.90 3.65
CA ALA B 36 26.01 23.53 2.50
C ALA B 36 25.31 22.50 1.63
N SER B 37 26.09 21.74 0.85
CA SER B 37 25.54 20.72 -0.03
C SER B 37 26.49 19.54 -0.07
N VAL B 38 25.91 18.35 -0.23
CA VAL B 38 26.67 17.10 -0.31
C VAL B 38 26.23 16.34 -1.54
N LYS B 39 27.19 15.79 -2.28
CA LYS B 39 26.93 15.05 -3.51
C LYS B 39 27.61 13.69 -3.40
N VAL B 40 26.82 12.66 -3.11
CA VAL B 40 27.33 11.30 -2.92
C VAL B 40 27.19 10.54 -4.22
N SER B 41 28.25 9.83 -4.61
CA SER B 41 28.27 9.03 -5.82
C SER B 41 27.97 7.57 -5.52
N CYS B 42 27.70 6.80 -6.57
CA CYS B 42 27.35 5.39 -6.44
C CYS B 42 27.83 4.68 -7.72
N LYS B 43 29.03 4.12 -7.66
CA LYS B 43 29.66 3.49 -8.82
C LYS B 43 29.17 2.04 -8.93
N ALA B 44 28.51 1.74 -10.04
CA ALA B 44 27.93 0.42 -10.26
C ALA B 44 28.81 -0.42 -11.18
N SER B 45 28.81 -1.73 -10.93
CA SER B 45 29.58 -2.67 -11.74
C SER B 45 29.03 -4.07 -11.52
N GLY B 46 29.01 -4.86 -12.58
CA GLY B 46 28.54 -6.23 -12.52
C GLY B 46 27.18 -6.47 -13.14
N TYR B 47 26.53 -5.44 -13.68
CA TYR B 47 25.22 -5.59 -14.29
C TYR B 47 25.02 -4.45 -15.29
N THR B 48 23.96 -4.57 -16.07
CA THR B 48 23.59 -3.52 -17.02
C THR B 48 23.08 -2.31 -16.24
N PHE B 49 23.90 -1.24 -16.21
CA PHE B 49 23.60 -0.10 -15.34
C PHE B 49 22.26 0.54 -15.69
N THR B 50 21.94 0.62 -16.99
CA THR B 50 20.71 1.27 -17.43
C THR B 50 19.50 0.36 -17.37
N GLY B 51 19.63 -0.85 -16.81
CA GLY B 51 18.55 -1.80 -16.83
C GLY B 51 17.70 -1.83 -15.57
N TYR B 52 18.20 -1.22 -14.49
CA TYR B 52 17.51 -1.27 -13.20
C TYR B 52 17.58 0.10 -12.54
N TYR B 53 16.45 0.53 -11.99
CA TYR B 53 16.39 1.84 -11.32
C TYR B 53 17.32 1.86 -10.12
N MET B 54 17.75 3.07 -9.75
CA MET B 54 18.63 3.29 -8.61
C MET B 54 17.85 4.04 -7.53
N HIS B 55 17.59 3.36 -6.41
CA HIS B 55 16.94 3.99 -5.27
C HIS B 55 17.99 4.54 -4.31
N TRP B 56 17.59 5.57 -3.57
CA TRP B 56 18.44 6.18 -2.55
C TRP B 56 17.70 6.12 -1.22
N VAL B 57 18.33 5.49 -0.22
CA VAL B 57 17.75 5.33 1.10
C VAL B 57 18.78 5.75 2.13
N ARG B 58 18.37 6.64 3.04
CA ARG B 58 19.23 7.09 4.14
C ARG B 58 18.72 6.52 5.45
N GLN B 59 19.63 6.42 6.42
CA GLN B 59 19.31 5.88 7.74
C GLN B 59 20.03 6.70 8.79
N ALA B 60 19.26 7.39 9.62
CA ALA B 60 19.84 8.16 10.71
C ALA B 60 20.50 7.22 11.73
N PRO B 61 21.51 7.69 12.45
CA PRO B 61 22.21 6.82 13.41
C PRO B 61 21.26 6.26 14.46
N GLY B 62 21.17 4.93 14.51
CA GLY B 62 20.30 4.27 15.46
C GLY B 62 18.83 4.48 15.19
N GLN B 63 18.44 4.64 13.93
CA GLN B 63 17.06 4.90 13.55
C GLN B 63 16.67 3.95 12.43
N GLY B 64 15.44 4.12 11.93
CA GLY B 64 14.96 3.34 10.82
C GLY B 64 15.46 3.85 9.49
N LEU B 65 14.86 3.33 8.42
CA LEU B 65 15.22 3.67 7.06
C LEU B 65 14.29 4.75 6.51
N GLU B 66 14.77 5.46 5.50
CA GLU B 66 14.00 6.55 4.90
C GLU B 66 14.31 6.61 3.40
N TRP B 67 13.27 6.41 2.59
CA TRP B 67 13.43 6.43 1.14
C TRP B 67 13.35 7.85 0.62
N MET B 68 14.34 8.26 -0.17
CA MET B 68 14.44 9.61 -0.68
C MET B 68 13.94 9.76 -2.11
N GLY B 69 14.23 8.79 -2.96
CA GLY B 69 13.82 8.86 -4.36
C GLY B 69 14.60 7.88 -5.19
N TRP B 70 14.10 7.64 -6.40
CA TRP B 70 14.78 6.81 -7.37
C TRP B 70 15.12 7.63 -8.60
N ILE B 71 15.96 7.06 -9.46
CA ILE B 71 16.33 7.67 -10.73
C ILE B 71 16.40 6.57 -11.78
N ASN B 72 15.82 6.83 -12.95
CA ASN B 72 15.89 5.93 -14.08
C ASN B 72 17.21 6.12 -14.78
N PRO B 73 18.15 5.16 -14.66
CA PRO B 73 19.48 5.35 -15.25
C PRO B 73 19.49 5.28 -16.78
N ASN B 74 18.35 5.07 -17.42
CA ASN B 74 18.25 5.04 -18.87
C ASN B 74 17.71 6.35 -19.43
N SER B 75 16.64 6.87 -18.84
CA SER B 75 16.03 8.11 -19.31
C SER B 75 16.46 9.33 -18.53
N GLY B 76 16.93 9.16 -17.30
CA GLY B 76 17.22 10.28 -16.43
C GLY B 76 16.05 10.74 -15.59
N GLY B 77 14.91 10.04 -15.66
CA GLY B 77 13.76 10.45 -14.88
C GLY B 77 13.97 10.19 -13.39
N THR B 78 13.44 11.10 -12.58
CA THR B 78 13.56 11.01 -11.14
C THR B 78 12.18 11.01 -10.50
N ASN B 79 12.15 10.65 -9.21
CA ASN B 79 10.89 10.59 -8.45
C ASN B 79 11.24 10.80 -6.98
N TYR B 80 11.35 12.06 -6.59
CA TYR B 80 11.76 12.39 -5.23
C TYR B 80 10.57 12.36 -4.27
N ALA B 81 10.85 12.03 -3.02
CA ALA B 81 9.83 12.08 -2.00
C ALA B 81 9.44 13.53 -1.71
N GLN B 82 8.22 13.71 -1.20
CA GLN B 82 7.72 15.06 -0.95
C GLN B 82 8.55 15.78 0.09
N LYS B 83 9.08 15.06 1.08
CA LYS B 83 9.89 15.70 2.11
C LYS B 83 11.16 16.32 1.53
N PHE B 84 11.78 15.65 0.57
CA PHE B 84 13.03 16.11 -0.01
C PHE B 84 12.84 16.85 -1.34
N GLN B 85 11.64 16.84 -1.90
CA GLN B 85 11.40 17.46 -3.20
C GLN B 85 11.70 18.95 -3.12
N GLY B 86 12.64 19.41 -3.95
CA GLY B 86 13.05 20.79 -3.99
C GLY B 86 14.50 21.00 -3.58
N ARG B 87 15.11 20.03 -2.90
CA ARG B 87 16.50 20.18 -2.47
C ARG B 87 17.28 18.88 -2.62
N VAL B 88 16.89 18.03 -3.57
CA VAL B 88 17.63 16.83 -3.90
C VAL B 88 17.65 16.68 -5.41
N THR B 89 18.85 16.46 -5.97
CA THR B 89 19.04 16.36 -7.42
C THR B 89 19.78 15.06 -7.70
N MET B 90 19.06 14.07 -8.21
CA MET B 90 19.64 12.77 -8.55
C MET B 90 20.00 12.77 -10.03
N THR B 91 21.26 12.50 -10.34
CA THR B 91 21.77 12.49 -11.70
C THR B 91 22.44 11.14 -11.99
N ARG B 92 22.88 10.95 -13.22
CA ARG B 92 23.47 9.70 -13.67
C ARG B 92 24.61 9.99 -14.63
N ASP B 93 25.54 9.05 -14.71
CA ASP B 93 26.67 9.12 -15.65
C ASP B 93 26.85 7.73 -16.24
N THR B 94 26.10 7.46 -17.31
CA THR B 94 26.14 6.14 -17.94
C THR B 94 27.48 5.83 -18.57
N SER B 95 28.29 6.85 -18.88
CA SER B 95 29.60 6.60 -19.47
C SER B 95 30.53 5.89 -18.49
N ILE B 96 30.34 6.09 -17.19
CA ILE B 96 31.14 5.46 -16.16
C ILE B 96 30.29 4.62 -15.21
N SER B 97 28.99 4.48 -15.50
CA SER B 97 28.06 3.70 -14.68
C SER B 97 28.09 4.16 -13.23
N THR B 98 27.71 5.41 -13.03
CA THR B 98 27.73 6.03 -11.70
C THR B 98 26.47 6.87 -11.52
N ALA B 99 25.84 6.73 -10.35
CA ALA B 99 24.68 7.52 -9.97
C ALA B 99 25.06 8.50 -8.87
N TYR B 100 24.53 9.71 -8.96
CA TYR B 100 24.84 10.77 -8.01
C TYR B 100 23.57 11.27 -7.34
N MET B 101 23.69 11.66 -6.08
CA MET B 101 22.63 12.33 -5.33
C MET B 101 23.22 13.55 -4.66
N GLU B 102 22.63 14.71 -4.93
CA GLU B 102 23.10 15.97 -4.36
C GLU B 102 22.00 16.54 -3.47
N LEU B 103 22.15 16.36 -2.17
CA LEU B 103 21.18 16.86 -1.18
C LEU B 103 21.71 18.19 -0.65
N SER B 104 21.14 19.29 -1.13
CA SER B 104 21.50 20.62 -0.69
C SER B 104 20.53 21.07 0.40
N ARG B 105 20.73 22.30 0.89
CA ARG B 105 19.90 22.89 1.95
C ARG B 105 19.93 21.99 3.18
N LEU B 106 21.14 21.75 3.68
CA LEU B 106 21.37 20.75 4.70
C LEU B 106 20.93 21.24 6.07
N ARG B 107 20.56 20.29 6.92
CA ARG B 107 20.10 20.56 8.28
C ARG B 107 20.80 19.61 9.24
N SER B 108 20.56 19.81 10.53
CA SER B 108 21.14 18.92 11.53
C SER B 108 20.52 17.54 11.47
N ASP B 109 19.21 17.47 11.20
CA ASP B 109 18.50 16.20 11.11
C ASP B 109 18.77 15.46 9.79
N ASP B 110 19.62 16.00 8.92
CA ASP B 110 20.02 15.31 7.71
C ASP B 110 21.23 14.41 7.93
N THR B 111 21.78 14.38 9.14
CA THR B 111 22.90 13.50 9.45
C THR B 111 22.44 12.05 9.42
N ALA B 112 22.97 11.27 8.48
CA ALA B 112 22.57 9.89 8.31
C ALA B 112 23.61 9.18 7.44
N VAL B 113 23.38 7.90 7.20
CA VAL B 113 24.19 7.09 6.30
C VAL B 113 23.38 6.87 5.03
N TYR B 114 23.86 7.39 3.91
CA TYR B 114 23.10 7.38 2.67
C TYR B 114 23.51 6.17 1.84
N TYR B 115 22.58 5.25 1.62
CA TYR B 115 22.79 4.08 0.79
C TYR B 115 22.20 4.31 -0.59
N CYS B 116 22.75 3.62 -1.58
CA CYS B 116 22.18 3.56 -2.91
C CYS B 116 21.80 2.12 -3.20
N ALA B 117 20.54 1.89 -3.54
CA ALA B 117 20.04 0.55 -3.79
C ALA B 117 19.48 0.47 -5.21
N ARG B 118 19.47 -0.75 -5.75
CA ARG B 118 19.10 -0.99 -7.13
C ARG B 118 17.82 -1.83 -7.19
N ASP B 119 16.84 -1.37 -7.97
CA ASP B 119 15.59 -2.10 -8.14
C ASP B 119 15.86 -3.45 -8.79
N HIS B 120 15.21 -4.48 -8.27
CA HIS B 120 15.43 -5.86 -8.71
C HIS B 120 14.65 -6.21 -9.97
N GLY B 121 14.01 -5.24 -10.59
CA GLY B 121 13.20 -5.47 -11.77
C GLY B 121 13.63 -4.62 -12.94
N SER B 122 13.75 -5.24 -14.11
CA SER B 122 14.07 -4.50 -15.33
C SER B 122 12.84 -3.77 -15.87
N ARG B 123 11.67 -4.41 -15.80
CA ARG B 123 10.40 -3.76 -16.12
C ARG B 123 9.85 -3.16 -14.84
N HIS B 124 9.89 -1.83 -14.75
CA HIS B 124 9.65 -1.17 -13.47
C HIS B 124 8.18 -1.22 -13.06
N PHE B 125 7.25 -1.22 -14.03
CA PHE B 125 5.84 -1.22 -13.67
C PHE B 125 5.43 -2.48 -12.92
N TRP B 126 6.06 -3.60 -13.22
CA TRP B 126 5.78 -4.86 -12.53
C TRP B 126 6.79 -5.16 -11.42
N SER B 127 7.72 -4.25 -11.16
CA SER B 127 8.68 -4.46 -10.08
C SER B 127 7.99 -4.33 -8.73
N TYR B 128 8.63 -4.92 -7.71
CA TYR B 128 8.15 -4.82 -6.34
C TYR B 128 9.04 -3.90 -5.50
N TRP B 129 9.94 -3.16 -6.13
CA TRP B 129 10.79 -2.17 -5.46
C TRP B 129 11.59 -2.81 -4.33
N GLY B 130 12.04 -4.04 -4.55
CA GLY B 130 12.90 -4.72 -3.59
C GLY B 130 14.35 -4.39 -3.86
N PHE B 131 15.08 -4.09 -2.80
CA PHE B 131 16.47 -3.63 -2.89
C PHE B 131 17.37 -4.84 -2.65
N ASP B 132 17.78 -5.49 -3.74
CA ASP B 132 18.60 -6.69 -3.63
C ASP B 132 20.08 -6.41 -3.54
N TYR B 133 20.54 -5.25 -4.01
CA TYR B 133 21.94 -4.87 -3.93
C TYR B 133 22.04 -3.45 -3.43
N TRP B 134 22.88 -3.23 -2.42
CA TRP B 134 23.08 -1.93 -1.79
C TRP B 134 24.53 -1.50 -1.94
N GLY B 135 24.77 -0.22 -1.68
CA GLY B 135 26.12 0.29 -1.58
C GLY B 135 26.70 0.06 -0.19
N GLN B 136 27.98 0.42 -0.05
CA GLN B 136 28.64 0.23 1.24
C GLN B 136 28.21 1.27 2.27
N GLY B 137 27.59 2.37 1.84
CA GLY B 137 27.13 3.37 2.78
C GLY B 137 28.07 4.55 2.94
N THR B 138 27.54 5.76 2.82
CA THR B 138 28.31 6.98 2.97
C THR B 138 27.76 7.76 4.15
N LEU B 139 28.60 7.97 5.17
CA LEU B 139 28.21 8.75 6.32
C LEU B 139 28.37 10.23 6.02
N VAL B 140 27.30 11.00 6.25
CA VAL B 140 27.30 12.44 6.04
C VAL B 140 26.90 13.09 7.36
N THR B 141 27.87 13.72 8.03
CA THR B 141 27.65 14.38 9.31
C THR B 141 27.49 15.88 9.06
N VAL B 142 26.32 16.41 9.41
CA VAL B 142 26.01 17.82 9.24
C VAL B 142 25.82 18.43 10.63
N SER B 143 26.75 19.28 11.03
CA SER B 143 26.69 19.96 12.31
C SER B 143 27.46 21.27 12.23
N SER B 144 27.07 22.23 13.06
CA SER B 144 27.70 23.54 13.07
C SER B 144 29.09 23.54 13.72
N ALA B 145 29.52 22.43 14.29
CA ALA B 145 30.80 22.37 14.97
C ALA B 145 31.94 22.31 13.95
N SER B 146 33.14 22.64 14.42
CA SER B 146 34.34 22.59 13.62
C SER B 146 35.18 21.38 14.02
N THR B 147 36.03 20.93 13.09
CA THR B 147 36.87 19.76 13.31
C THR B 147 37.81 19.96 14.49
N LYS B 148 37.60 19.20 15.56
CA LYS B 148 38.40 19.32 16.77
C LYS B 148 39.02 17.98 17.12
N GLY B 149 40.28 18.00 17.54
CA GLY B 149 40.97 16.80 17.97
C GLY B 149 40.51 16.34 19.34
N PRO B 150 40.71 15.06 19.63
CA PRO B 150 40.23 14.50 20.89
C PRO B 150 41.17 14.76 22.05
N SER B 151 40.59 14.78 23.25
CA SER B 151 41.34 14.90 24.50
C SER B 151 41.27 13.58 25.24
N VAL B 152 42.41 12.96 25.49
CA VAL B 152 42.49 11.64 26.08
C VAL B 152 42.80 11.78 27.55
N PHE B 153 41.91 11.27 28.40
CA PHE B 153 42.05 11.33 29.85
C PHE B 153 42.02 9.92 30.42
N PRO B 154 42.94 9.57 31.31
CA PRO B 154 42.98 8.20 31.84
C PRO B 154 41.94 7.96 32.91
N LEU B 155 41.43 6.72 32.92
CA LEU B 155 40.50 6.24 33.94
C LEU B 155 41.24 5.16 34.74
N ALA B 156 41.97 5.59 35.77
CA ALA B 156 42.82 4.70 36.55
C ALA B 156 41.98 3.92 37.57
N PRO B 157 42.42 2.70 37.92
CA PRO B 157 41.76 1.87 38.93
C PRO B 157 41.66 2.55 40.30
N THR B 166 40.36 -8.74 40.14
CA THR B 166 40.15 -8.18 38.82
C THR B 166 40.07 -6.66 38.87
N ALA B 167 40.93 -5.99 38.10
CA ALA B 167 40.96 -4.55 38.03
C ALA B 167 40.35 -4.06 36.73
N ALA B 168 39.82 -2.84 36.75
CA ALA B 168 39.18 -2.24 35.59
C ALA B 168 39.76 -0.85 35.37
N LEU B 169 40.33 -0.62 34.19
CA LEU B 169 40.88 0.66 33.80
C LEU B 169 40.40 1.00 32.39
N GLY B 170 40.63 2.23 31.97
CA GLY B 170 40.19 2.64 30.65
C GLY B 170 40.62 4.06 30.35
N CYS B 171 40.16 4.55 29.20
CA CYS B 171 40.44 5.90 28.74
C CYS B 171 39.13 6.63 28.45
N LEU B 172 39.25 7.96 28.35
CA LEU B 172 38.10 8.83 28.09
C LEU B 172 38.45 9.75 26.92
N VAL B 173 37.89 9.45 25.75
CA VAL B 173 38.09 10.27 24.55
C VAL B 173 36.98 11.31 24.55
N LYS B 174 37.30 12.50 25.06
CA LYS B 174 36.30 13.54 25.29
C LYS B 174 36.50 14.70 24.31
N ASP B 175 35.38 15.27 23.87
CA ASP B 175 35.36 16.49 23.06
C ASP B 175 36.15 16.34 21.77
N TYR B 176 35.52 15.76 20.75
CA TYR B 176 36.13 15.68 19.43
C TYR B 176 35.04 15.78 18.37
N PHE B 177 35.46 16.09 17.14
CA PHE B 177 34.54 16.21 16.02
C PHE B 177 35.35 16.13 14.73
N PRO B 178 34.90 15.37 13.73
CA PRO B 178 33.71 14.53 13.82
C PRO B 178 34.05 13.06 14.06
N GLU B 179 33.04 12.20 13.97
CA GLU B 179 33.30 10.76 13.99
C GLU B 179 34.13 10.37 12.77
N PRO B 180 34.92 9.28 12.86
CA PRO B 180 35.10 8.42 14.02
C PRO B 180 36.50 8.50 14.64
N VAL B 181 36.66 7.82 15.78
CA VAL B 181 37.97 7.60 16.39
C VAL B 181 38.18 6.10 16.51
N THR B 182 39.45 5.70 16.50
CA THR B 182 39.83 4.30 16.63
C THR B 182 40.71 4.15 17.86
N VAL B 183 40.21 3.45 18.88
CA VAL B 183 40.92 3.25 20.13
C VAL B 183 41.39 1.81 20.18
N SER B 184 42.70 1.62 20.36
CA SER B 184 43.30 0.31 20.52
C SER B 184 44.32 0.37 21.65
N TRP B 185 44.35 -0.69 22.46
CA TRP B 185 45.22 -0.74 23.62
C TRP B 185 46.50 -1.49 23.30
N ASN B 186 47.64 -0.91 23.70
CA ASN B 186 48.96 -1.50 23.47
C ASN B 186 49.21 -1.77 21.98
N SER B 187 48.78 -0.83 21.14
CA SER B 187 48.97 -0.91 19.69
C SER B 187 48.36 -2.17 19.10
N GLY B 188 47.27 -2.65 19.70
CA GLY B 188 46.60 -3.85 19.23
C GLY B 188 46.99 -5.12 19.96
N ALA B 189 47.93 -5.06 20.90
CA ALA B 189 48.33 -6.26 21.61
C ALA B 189 47.24 -6.76 22.55
N LEU B 190 46.54 -5.84 23.22
CA LEU B 190 45.50 -6.18 24.16
C LEU B 190 44.14 -5.97 23.49
N THR B 191 43.45 -7.06 23.18
CA THR B 191 42.12 -7.01 22.60
C THR B 191 41.07 -7.75 23.42
N SER B 192 41.47 -8.55 24.40
CA SER B 192 40.53 -9.31 25.21
C SER B 192 39.90 -8.41 26.26
N GLY B 193 38.57 -8.43 26.33
CA GLY B 193 37.84 -7.68 27.32
C GLY B 193 37.77 -6.19 27.09
N VAL B 194 38.28 -5.69 25.97
CA VAL B 194 38.24 -4.26 25.67
C VAL B 194 36.83 -3.87 25.23
N HIS B 195 36.29 -2.82 25.84
CA HIS B 195 34.95 -2.33 25.52
C HIS B 195 35.05 -0.84 25.19
N THR B 196 34.93 -0.52 23.91
CA THR B 196 34.91 0.87 23.44
C THR B 196 33.45 1.26 23.21
N PHE B 197 32.89 2.02 24.15
CA PHE B 197 31.48 2.38 24.08
C PHE B 197 31.21 3.28 22.89
N PRO B 198 29.99 3.23 22.33
CA PRO B 198 29.64 4.15 21.24
C PRO B 198 29.69 5.59 21.71
N ALA B 199 30.08 6.48 20.80
CA ALA B 199 30.21 7.88 21.14
C ALA B 199 28.85 8.53 21.32
N VAL B 200 28.69 9.28 22.40
CA VAL B 200 27.47 10.03 22.68
C VAL B 200 27.71 11.48 22.29
N LEU B 201 26.71 12.09 21.65
CA LEU B 201 26.81 13.48 21.20
C LEU B 201 26.41 14.40 22.35
N GLN B 202 27.37 15.19 22.82
CA GLN B 202 27.12 16.10 23.93
C GLN B 202 26.34 17.33 23.44
N SER B 203 25.86 18.12 24.40
CA SER B 203 25.13 19.34 24.06
C SER B 203 26.01 20.38 23.40
N SER B 204 27.32 20.31 23.59
CA SER B 204 28.25 21.24 22.94
C SER B 204 28.46 20.92 21.47
N GLY B 205 27.92 19.81 20.97
CA GLY B 205 28.13 19.41 19.60
C GLY B 205 29.33 18.51 19.37
N LEU B 206 29.99 18.06 20.43
CA LEU B 206 31.15 17.19 20.32
C LEU B 206 30.84 15.81 20.91
N TYR B 207 31.58 14.81 20.44
CA TYR B 207 31.36 13.44 20.86
C TYR B 207 32.24 13.10 22.06
N SER B 208 31.65 12.35 23.01
CA SER B 208 32.37 11.81 24.15
C SER B 208 32.39 10.29 24.04
N LEU B 209 33.52 9.69 24.41
CA LEU B 209 33.69 8.25 24.22
C LEU B 209 34.62 7.71 25.30
N SER B 210 34.23 6.58 25.90
CA SER B 210 35.03 5.89 26.90
C SER B 210 35.40 4.51 26.38
N SER B 211 36.62 4.08 26.66
CA SER B 211 37.11 2.77 26.23
C SER B 211 37.76 2.10 27.44
N VAL B 212 37.01 1.24 28.12
CA VAL B 212 37.49 0.56 29.31
C VAL B 212 37.94 -0.85 28.95
N VAL B 213 38.73 -1.45 29.83
CA VAL B 213 39.25 -2.80 29.63
C VAL B 213 39.54 -3.40 31.00
N THR B 214 39.11 -4.65 31.19
CA THR B 214 39.35 -5.36 32.45
C THR B 214 40.65 -6.15 32.35
N VAL B 215 41.46 -6.05 33.40
CA VAL B 215 42.75 -6.76 33.46
C VAL B 215 42.88 -7.40 34.84
N PRO B 216 43.69 -8.45 34.94
CA PRO B 216 43.93 -9.06 36.26
C PRO B 216 44.55 -8.06 37.22
N SER B 217 44.03 -8.06 38.45
CA SER B 217 44.57 -7.17 39.49
C SER B 217 46.02 -7.47 39.80
N SER B 218 46.49 -8.70 39.55
CA SER B 218 47.89 -9.01 39.77
C SER B 218 48.78 -8.26 38.79
N SER B 219 48.37 -8.21 37.52
CA SER B 219 49.15 -7.50 36.50
C SER B 219 49.03 -5.99 36.62
N LEU B 220 48.11 -5.49 37.43
CA LEU B 220 47.95 -4.05 37.63
C LEU B 220 49.17 -3.52 38.38
N GLY B 221 50.13 -2.97 37.64
CA GLY B 221 51.38 -2.48 38.19
C GLY B 221 52.61 -3.14 37.62
N THR B 222 52.48 -4.35 37.09
CA THR B 222 53.60 -5.06 36.48
C THR B 222 53.58 -5.00 34.95
N GLN B 223 52.49 -4.54 34.35
CA GLN B 223 52.36 -4.42 32.91
C GLN B 223 51.84 -3.03 32.55
N THR B 224 52.46 -2.42 31.55
CA THR B 224 52.08 -1.08 31.13
C THR B 224 50.84 -1.14 30.25
N TYR B 225 49.83 -0.32 30.60
CA TYR B 225 48.58 -0.26 29.86
C TYR B 225 48.47 1.12 29.22
N ILE B 226 48.49 1.17 27.90
CA ILE B 226 48.41 2.41 27.14
C ILE B 226 47.30 2.29 26.12
N CYS B 227 46.42 3.29 26.06
CA CYS B 227 45.39 3.36 25.04
C CYS B 227 45.86 4.30 23.93
N ASN B 228 45.57 3.92 22.69
CA ASN B 228 46.01 4.67 21.51
C ASN B 228 44.78 5.15 20.76
N VAL B 229 44.56 6.46 20.79
CA VAL B 229 43.40 7.09 20.14
C VAL B 229 43.88 7.73 18.85
N ASN B 230 43.18 7.47 17.75
CA ASN B 230 43.53 8.01 16.44
C ASN B 230 42.30 8.68 15.85
N HIS B 231 42.41 9.98 15.60
CA HIS B 231 41.34 10.78 15.01
C HIS B 231 41.82 11.25 13.64
N LYS B 232 41.42 10.54 12.59
CA LYS B 232 41.89 10.86 11.24
C LYS B 232 41.48 12.24 10.74
N PRO B 233 40.25 12.72 10.97
CA PRO B 233 39.89 14.04 10.41
C PRO B 233 40.79 15.18 10.87
N SER B 234 41.29 15.14 12.10
CA SER B 234 42.16 16.19 12.61
C SER B 234 43.63 15.78 12.62
N ASN B 235 43.96 14.58 12.14
CA ASN B 235 45.33 14.06 12.11
C ASN B 235 45.93 14.09 13.52
N THR B 236 45.19 13.52 14.48
CA THR B 236 45.58 13.52 15.88
C THR B 236 45.80 12.08 16.33
N LYS B 237 47.02 11.79 16.77
CA LYS B 237 47.38 10.48 17.31
C LYS B 237 47.94 10.70 18.70
N VAL B 238 47.19 10.28 19.73
CA VAL B 238 47.56 10.52 21.12
C VAL B 238 47.62 9.20 21.85
N ASP B 239 48.74 8.95 22.51
CA ASP B 239 48.89 7.84 23.45
C ASP B 239 48.71 8.35 24.87
N LYS B 240 48.43 7.43 25.79
CA LYS B 240 48.15 7.83 27.17
C LYS B 240 48.41 6.63 28.08
N ARG B 241 49.43 6.74 28.95
CA ARG B 241 49.65 5.74 29.97
C ARG B 241 48.60 5.87 31.07
N VAL B 242 48.16 4.72 31.59
CA VAL B 242 47.15 4.68 32.64
C VAL B 242 47.79 4.01 33.85
N GLU B 243 48.27 4.82 34.79
CA GLU B 243 48.86 4.32 36.02
C GLU B 243 47.91 4.51 37.19
N PRO B 244 47.89 3.58 38.16
CA PRO B 244 47.03 3.67 39.35
C PRO B 244 47.30 4.92 40.18
N GLN C 261 -54.59 -23.17 -13.55
CA GLN C 261 -55.41 -22.01 -13.21
C GLN C 261 -54.76 -21.20 -12.08
N PRO C 262 -53.72 -20.43 -12.41
CA PRO C 262 -52.99 -19.70 -11.37
C PRO C 262 -53.58 -18.33 -11.05
N LEU C 263 -54.34 -17.77 -11.98
CA LEU C 263 -54.89 -16.43 -11.84
C LEU C 263 -56.39 -16.50 -11.58
N VAL C 264 -56.86 -15.66 -10.66
CA VAL C 264 -58.26 -15.61 -10.26
C VAL C 264 -58.66 -14.15 -10.08
N TYR C 265 -59.79 -13.76 -10.69
CA TYR C 265 -60.26 -12.39 -10.59
C TYR C 265 -60.66 -12.04 -9.16
N ASN C 266 -60.55 -10.75 -8.83
CA ASN C 266 -60.85 -10.25 -7.51
C ASN C 266 -61.84 -9.11 -7.62
N LYS C 267 -62.94 -9.19 -6.86
CA LYS C 267 -63.94 -8.13 -6.87
C LYS C 267 -63.49 -6.88 -6.11
N LEU C 268 -62.51 -7.01 -5.22
CA LEU C 268 -62.10 -5.90 -4.37
C LEU C 268 -61.03 -5.03 -5.01
N THR C 269 -60.08 -5.61 -5.72
CA THR C 269 -59.02 -4.86 -6.36
C THR C 269 -59.18 -4.77 -7.88
N PHE C 270 -60.21 -5.40 -8.44
CA PHE C 270 -60.57 -5.25 -9.85
C PHE C 270 -59.45 -5.73 -10.78
N GLN C 271 -58.78 -6.80 -10.40
CA GLN C 271 -57.72 -7.37 -11.25
C GLN C 271 -57.51 -8.82 -10.85
N LEU C 272 -56.64 -9.49 -11.61
CA LEU C 272 -56.32 -10.88 -11.35
C LEU C 272 -55.40 -11.01 -10.14
N GLU C 273 -55.49 -12.15 -9.47
CA GLU C 273 -54.71 -12.43 -8.27
C GLU C 273 -54.22 -13.87 -8.32
N PRO C 274 -53.12 -14.18 -7.63
CA PRO C 274 -52.64 -15.57 -7.60
C PRO C 274 -53.63 -16.47 -6.90
N ASN C 275 -53.93 -17.60 -7.54
CA ASN C 275 -54.93 -18.53 -7.01
C ASN C 275 -54.30 -19.42 -5.95
N PRO C 276 -54.80 -19.40 -4.71
CA PRO C 276 -54.27 -20.33 -3.70
C PRO C 276 -54.68 -21.77 -3.91
N HIS C 277 -55.78 -22.01 -4.64
CA HIS C 277 -56.26 -23.36 -4.94
C HIS C 277 -55.90 -23.79 -6.35
N THR C 278 -54.66 -23.54 -6.79
CA THR C 278 -54.24 -23.89 -8.14
C THR C 278 -54.06 -25.39 -8.29
N VAL C 302 -39.00 -33.40 -9.94
CA VAL C 302 -39.02 -32.06 -10.50
C VAL C 302 -38.45 -32.07 -11.92
N ARG C 303 -38.68 -31.00 -12.66
CA ARG C 303 -38.20 -30.87 -14.03
C ARG C 303 -37.31 -29.64 -14.16
N ALA C 304 -36.43 -29.68 -15.15
CA ALA C 304 -35.49 -28.59 -15.40
C ALA C 304 -36.14 -27.52 -16.27
N CYS C 305 -35.84 -26.26 -15.96
CA CYS C 305 -36.40 -25.16 -16.72
C CYS C 305 -35.81 -25.12 -18.13
N PRO C 306 -36.55 -24.60 -19.10
CA PRO C 306 -36.04 -24.51 -20.47
C PRO C 306 -34.87 -23.54 -20.54
N PRO C 307 -34.08 -23.58 -21.62
CA PRO C 307 -32.90 -22.70 -21.71
C PRO C 307 -33.24 -21.21 -21.75
N ASP C 308 -34.50 -20.85 -22.02
CA ASP C 308 -34.91 -19.44 -22.06
C ASP C 308 -35.58 -18.99 -20.77
N LYS C 309 -35.55 -19.82 -19.73
CA LYS C 309 -36.17 -19.47 -18.45
C LYS C 309 -35.23 -19.87 -17.31
N MET C 310 -35.17 -19.02 -16.29
CA MET C 310 -34.36 -19.25 -15.12
C MET C 310 -35.22 -19.76 -13.97
N GLU C 311 -34.64 -20.64 -13.15
CA GLU C 311 -35.37 -21.24 -12.04
C GLU C 311 -35.30 -20.30 -10.84
N VAL C 312 -36.41 -19.65 -10.54
CA VAL C 312 -36.51 -18.73 -9.41
C VAL C 312 -37.36 -19.38 -8.31
N ASP C 313 -37.32 -18.78 -7.13
CA ASP C 313 -38.04 -19.28 -5.96
C ASP C 313 -38.91 -18.15 -5.41
N LYS C 314 -40.23 -18.30 -5.56
CA LYS C 314 -41.19 -17.30 -5.09
C LYS C 314 -41.76 -17.78 -3.76
N ASN C 315 -41.07 -17.43 -2.67
CA ASN C 315 -41.51 -17.73 -1.31
C ASN C 315 -41.71 -19.23 -1.10
N GLY C 316 -40.69 -20.00 -1.47
CA GLY C 316 -40.73 -21.44 -1.28
C GLY C 316 -41.46 -22.22 -2.34
N LEU C 317 -41.65 -21.65 -3.53
CA LEU C 317 -42.33 -22.33 -4.63
C LEU C 317 -41.44 -22.24 -5.86
N LYS C 318 -40.83 -23.36 -6.25
CA LYS C 318 -39.93 -23.38 -7.39
C LYS C 318 -40.71 -23.23 -8.69
N MET C 319 -40.27 -22.30 -9.53
CA MET C 319 -40.93 -22.03 -10.79
C MET C 319 -39.93 -21.39 -11.75
N CYS C 320 -40.19 -21.53 -13.04
CA CYS C 320 -39.35 -20.93 -14.06
C CYS C 320 -39.85 -19.54 -14.41
N GLU C 321 -38.92 -18.67 -14.80
CA GLU C 321 -39.23 -17.28 -15.13
C GLU C 321 -38.47 -16.90 -16.39
N PRO C 322 -39.13 -16.28 -17.36
CA PRO C 322 -38.44 -15.92 -18.61
C PRO C 322 -37.33 -14.91 -18.38
N CYS C 323 -36.27 -15.05 -19.17
CA CYS C 323 -35.11 -14.16 -19.08
C CYS C 323 -35.25 -13.01 -20.06
N GLY C 324 -34.91 -11.81 -19.60
CA GLY C 324 -34.92 -10.65 -20.47
C GLY C 324 -33.80 -10.69 -21.48
N GLY C 325 -33.93 -11.56 -22.48
CA GLY C 325 -32.87 -11.78 -23.45
C GLY C 325 -32.09 -13.04 -23.16
N LEU C 326 -30.82 -12.89 -22.83
CA LEU C 326 -29.99 -14.03 -22.43
C LEU C 326 -30.18 -14.33 -20.96
N CYS C 327 -30.21 -15.62 -20.62
CA CYS C 327 -30.36 -15.99 -19.22
C CYS C 327 -29.04 -15.82 -18.48
N PRO C 328 -29.10 -15.49 -17.19
CA PRO C 328 -27.86 -15.32 -16.41
C PRO C 328 -27.03 -16.60 -16.39
N LYS C 329 -25.72 -16.43 -16.54
CA LYS C 329 -24.79 -17.56 -16.59
C LYS C 329 -23.44 -17.09 -16.06
N ALA C 330 -22.95 -17.74 -15.02
CA ALA C 330 -21.66 -17.40 -14.43
C ALA C 330 -20.55 -18.18 -15.11
N CYS C 331 -19.44 -17.50 -15.38
CA CYS C 331 -18.31 -18.09 -16.08
C CYS C 331 -17.02 -17.75 -15.35
N GLU C 332 -16.07 -18.69 -15.38
CA GLU C 332 -14.78 -18.48 -14.74
C GLU C 332 -13.99 -17.40 -15.47
N GLY C 333 -13.03 -16.82 -14.75
CA GLY C 333 -12.27 -15.70 -15.28
C GLY C 333 -10.85 -16.03 -15.68
N THR C 334 -9.99 -15.02 -15.64
CA THR C 334 -8.59 -15.14 -16.04
C THR C 334 -7.71 -14.58 -14.92
N GLY C 335 -6.41 -14.84 -15.04
CA GLY C 335 -5.46 -14.31 -14.08
C GLY C 335 -5.18 -15.23 -12.91
N SER C 336 -4.84 -14.66 -11.76
CA SER C 336 -4.54 -15.45 -10.58
C SER C 336 -5.78 -16.19 -10.10
N GLY C 337 -5.58 -17.42 -9.63
CA GLY C 337 -6.66 -18.27 -9.17
C GLY C 337 -7.29 -19.12 -10.25
N SER C 338 -7.04 -18.82 -11.52
CA SER C 338 -7.58 -19.58 -12.64
C SER C 338 -6.44 -20.18 -13.44
N ARG C 339 -6.78 -21.19 -14.24
CA ARG C 339 -5.79 -21.90 -15.06
C ARG C 339 -5.42 -21.14 -16.34
N PHE C 340 -5.95 -19.93 -16.53
CA PHE C 340 -5.65 -19.13 -17.71
C PHE C 340 -4.95 -17.84 -17.28
N GLN C 341 -3.83 -17.54 -17.92
CA GLN C 341 -3.12 -16.29 -17.65
C GLN C 341 -3.62 -15.15 -18.53
N THR C 342 -3.99 -15.46 -19.77
CA THR C 342 -4.53 -14.47 -20.69
C THR C 342 -5.64 -15.12 -21.50
N VAL C 343 -6.49 -14.27 -22.09
CA VAL C 343 -7.58 -14.72 -22.95
C VAL C 343 -7.02 -14.83 -24.37
N ASP C 344 -6.87 -16.06 -24.86
CA ASP C 344 -6.33 -16.28 -26.19
C ASP C 344 -7.32 -17.04 -27.05
N SER C 345 -6.82 -17.75 -28.07
CA SER C 345 -7.71 -18.48 -28.96
C SER C 345 -8.25 -19.75 -28.32
N SER C 346 -7.52 -20.33 -27.38
CA SER C 346 -7.87 -21.62 -26.80
C SER C 346 -8.92 -21.52 -25.69
N ASN C 347 -9.40 -20.32 -25.37
CA ASN C 347 -10.36 -20.18 -24.28
C ASN C 347 -11.45 -19.16 -24.55
N ILE C 348 -11.41 -18.44 -25.68
CA ILE C 348 -12.41 -17.41 -25.94
C ILE C 348 -13.75 -18.02 -26.32
N ASP C 349 -13.77 -19.27 -26.79
CA ASP C 349 -15.03 -19.92 -27.14
C ASP C 349 -15.80 -20.38 -25.92
N GLY C 350 -15.15 -20.48 -24.76
CA GLY C 350 -15.86 -20.78 -23.53
C GLY C 350 -16.54 -19.59 -22.89
N PHE C 351 -16.34 -18.39 -23.44
CA PHE C 351 -16.95 -17.17 -22.93
C PHE C 351 -18.22 -16.80 -23.69
N VAL C 352 -18.88 -17.77 -24.32
CA VAL C 352 -20.10 -17.52 -25.08
C VAL C 352 -21.29 -17.57 -24.13
N ASN C 353 -22.22 -16.63 -24.31
CA ASN C 353 -23.44 -16.54 -23.49
C ASN C 353 -23.10 -16.28 -22.03
N CYS C 354 -21.94 -15.70 -21.77
CA CYS C 354 -21.52 -15.37 -20.40
C CYS C 354 -21.99 -13.97 -20.05
N THR C 355 -22.72 -13.85 -18.92
CA THR C 355 -23.21 -12.57 -18.45
C THR C 355 -22.53 -12.09 -17.19
N LYS C 356 -21.69 -12.92 -16.56
CA LYS C 356 -21.03 -12.54 -15.31
C LYS C 356 -19.78 -13.38 -15.15
N ILE C 357 -18.62 -12.74 -15.15
CA ILE C 357 -17.35 -13.43 -14.96
C ILE C 357 -17.07 -13.49 -13.46
N LEU C 358 -16.94 -14.70 -12.92
CA LEU C 358 -16.57 -14.90 -11.53
C LEU C 358 -15.05 -14.88 -11.35
N GLY C 359 -14.43 -13.80 -11.83
CA GLY C 359 -12.99 -13.67 -11.79
C GLY C 359 -12.52 -12.40 -12.46
N ASN C 360 -11.54 -12.52 -13.36
CA ASN C 360 -10.96 -11.37 -14.04
C ASN C 360 -10.95 -11.62 -15.54
N LEU C 361 -10.47 -10.64 -16.30
CA LEU C 361 -10.31 -10.76 -17.74
C LEU C 361 -8.99 -10.11 -18.13
N ASP C 362 -8.02 -10.93 -18.50
CA ASP C 362 -6.69 -10.46 -18.89
C ASP C 362 -6.55 -10.57 -20.41
N PHE C 363 -6.13 -9.47 -21.04
CA PHE C 363 -5.88 -9.42 -22.47
C PHE C 363 -4.40 -9.04 -22.66
N LEU C 364 -3.52 -10.02 -22.49
CA LEU C 364 -2.10 -9.78 -22.63
C LEU C 364 -1.70 -9.78 -24.12
N ILE C 365 -0.43 -9.47 -24.37
CA ILE C 365 0.04 -9.35 -25.74
C ILE C 365 0.13 -10.73 -26.40
N THR C 366 0.60 -11.74 -25.66
CA THR C 366 0.72 -13.07 -26.22
C THR C 366 -0.63 -13.73 -26.46
N GLY C 367 -1.71 -13.21 -25.89
CA GLY C 367 -3.02 -13.78 -26.08
C GLY C 367 -3.74 -13.25 -27.30
N LEU C 368 -3.31 -12.09 -27.79
CA LEU C 368 -3.93 -11.46 -28.94
C LEU C 368 -3.11 -11.60 -30.22
N ASN C 369 -1.78 -11.48 -30.13
CA ASN C 369 -0.90 -11.59 -31.27
C ASN C 369 -0.25 -12.95 -31.39
N GLY C 370 -0.70 -13.93 -30.60
CA GLY C 370 -0.11 -15.25 -30.64
C GLY C 370 1.31 -15.28 -30.11
N ASP C 371 1.96 -16.42 -30.32
CA ASP C 371 3.33 -16.64 -29.87
C ASP C 371 4.01 -17.57 -30.86
N PRO C 372 4.78 -17.04 -31.81
CA PRO C 372 5.42 -17.91 -32.82
C PRO C 372 6.45 -18.86 -32.24
N TRP C 373 7.01 -18.57 -31.05
CA TRP C 373 7.95 -19.48 -30.43
C TRP C 373 7.28 -20.75 -29.91
N HIS C 374 5.95 -20.79 -29.87
CA HIS C 374 5.21 -21.99 -29.52
C HIS C 374 4.20 -22.38 -30.59
N LYS C 375 4.24 -21.70 -31.75
CA LYS C 375 3.33 -21.98 -32.88
C LYS C 375 1.87 -21.84 -32.45
N ILE C 376 1.58 -20.75 -31.76
CA ILE C 376 0.22 -20.43 -31.31
C ILE C 376 -0.32 -19.33 -32.21
N PRO C 377 -1.37 -19.57 -32.98
CA PRO C 377 -1.91 -18.53 -33.86
C PRO C 377 -2.50 -17.38 -33.06
N ALA C 378 -2.59 -16.22 -33.72
CA ALA C 378 -3.18 -15.06 -33.10
C ALA C 378 -4.68 -15.25 -32.91
N LEU C 379 -5.25 -14.48 -31.99
CA LEU C 379 -6.67 -14.59 -31.69
C LEU C 379 -7.49 -13.95 -32.81
N ASP C 380 -8.52 -14.66 -33.24
CA ASP C 380 -9.46 -14.14 -34.22
C ASP C 380 -10.18 -12.93 -33.63
N PRO C 381 -10.02 -11.73 -34.20
CA PRO C 381 -10.65 -10.54 -33.59
C PRO C 381 -12.16 -10.63 -33.51
N GLU C 382 -12.82 -11.27 -34.48
CA GLU C 382 -14.27 -11.41 -34.42
C GLU C 382 -14.73 -12.31 -33.28
N LYS C 383 -13.83 -13.07 -32.66
CA LYS C 383 -14.20 -13.85 -31.49
C LYS C 383 -14.39 -12.97 -30.26
N LEU C 384 -13.87 -11.74 -30.28
CA LEU C 384 -14.01 -10.85 -29.13
C LEU C 384 -15.44 -10.37 -28.91
N ASN C 385 -16.34 -10.59 -29.88
CA ASN C 385 -17.73 -10.18 -29.72
C ASN C 385 -18.50 -11.06 -28.76
N VAL C 386 -17.88 -12.11 -28.20
CA VAL C 386 -18.57 -12.94 -27.23
C VAL C 386 -18.74 -12.23 -25.90
N PHE C 387 -17.99 -11.15 -25.67
CA PHE C 387 -18.09 -10.40 -24.42
C PHE C 387 -19.22 -9.39 -24.42
N ARG C 388 -19.94 -9.23 -25.54
CA ARG C 388 -21.07 -8.30 -25.59
C ARG C 388 -22.22 -8.73 -24.69
N THR C 389 -22.20 -9.98 -24.20
CA THR C 389 -23.18 -10.45 -23.23
C THR C 389 -22.72 -10.24 -21.79
N VAL C 390 -21.45 -9.86 -21.59
CA VAL C 390 -20.93 -9.68 -20.23
C VAL C 390 -21.53 -8.42 -19.64
N ARG C 391 -22.18 -8.56 -18.48
CA ARG C 391 -22.77 -7.43 -17.79
C ARG C 391 -22.10 -7.11 -16.45
N GLU C 392 -21.22 -7.98 -15.95
CA GLU C 392 -20.56 -7.74 -14.69
C GLU C 392 -19.27 -8.55 -14.64
N ILE C 393 -18.24 -7.97 -14.01
CA ILE C 393 -16.96 -8.63 -13.80
C ILE C 393 -16.64 -8.58 -12.32
N THR C 394 -16.39 -9.75 -11.72
CA THR C 394 -16.15 -9.81 -10.28
C THR C 394 -14.85 -9.12 -9.90
N GLY C 395 -13.76 -9.46 -10.58
CA GLY C 395 -12.46 -8.90 -10.24
C GLY C 395 -12.08 -7.69 -11.06
N TYR C 396 -10.93 -7.76 -11.76
CA TYR C 396 -10.40 -6.64 -12.50
C TYR C 396 -10.55 -6.87 -14.00
N LEU C 397 -10.19 -5.82 -14.76
CA LEU C 397 -10.15 -5.88 -16.22
C LEU C 397 -8.79 -5.36 -16.67
N ASN C 398 -7.97 -6.24 -17.21
CA ASN C 398 -6.61 -5.92 -17.63
C ASN C 398 -6.54 -6.02 -19.15
N ILE C 399 -6.50 -4.87 -19.82
CA ILE C 399 -6.46 -4.80 -21.28
C ILE C 399 -5.12 -4.17 -21.66
N GLN C 400 -4.19 -5.00 -22.14
CA GLN C 400 -2.89 -4.53 -22.58
C GLN C 400 -2.66 -4.71 -24.07
N SER C 401 -3.54 -5.43 -24.77
CA SER C 401 -3.41 -5.64 -26.20
C SER C 401 -4.81 -5.70 -26.81
N TRP C 402 -4.96 -5.10 -27.99
CA TRP C 402 -6.24 -5.04 -28.67
C TRP C 402 -5.99 -5.05 -30.16
N PRO C 403 -6.88 -5.66 -30.95
CA PRO C 403 -6.72 -5.67 -32.41
C PRO C 403 -6.62 -4.26 -32.96
N PRO C 404 -5.72 -4.01 -33.90
CA PRO C 404 -5.52 -2.64 -34.38
C PRO C 404 -6.73 -2.05 -35.09
N HIS C 405 -7.58 -2.88 -35.68
CA HIS C 405 -8.75 -2.40 -36.41
C HIS C 405 -9.96 -2.18 -35.51
N MET C 406 -9.79 -2.29 -34.19
CA MET C 406 -10.86 -2.04 -33.23
C MET C 406 -10.48 -0.82 -32.40
N HIS C 407 -11.13 0.31 -32.69
CA HIS C 407 -10.81 1.58 -32.05
C HIS C 407 -11.58 1.81 -30.75
N ASN C 408 -12.24 0.78 -30.22
CA ASN C 408 -12.98 0.91 -28.99
C ASN C 408 -13.13 -0.47 -28.35
N PHE C 409 -13.47 -0.46 -27.07
CA PHE C 409 -13.85 -1.68 -26.35
C PHE C 409 -15.36 -1.87 -26.34
N SER C 410 -16.00 -1.57 -27.48
CA SER C 410 -17.45 -1.71 -27.60
C SER C 410 -17.92 -3.14 -27.40
N VAL C 411 -17.02 -4.13 -27.44
CA VAL C 411 -17.38 -5.48 -27.10
C VAL C 411 -17.78 -5.62 -25.64
N PHE C 412 -17.51 -4.62 -24.81
CA PHE C 412 -17.98 -4.57 -23.44
C PHE C 412 -19.05 -3.49 -23.26
N SER C 413 -19.87 -3.28 -24.29
CA SER C 413 -20.90 -2.24 -24.20
C SER C 413 -21.94 -2.58 -23.14
N ASN C 414 -22.22 -3.86 -22.92
CA ASN C 414 -23.18 -4.29 -21.92
C ASN C 414 -22.55 -4.46 -20.54
N LEU C 415 -21.25 -4.20 -20.39
CA LEU C 415 -20.61 -4.25 -19.09
C LEU C 415 -21.07 -3.06 -18.25
N THR C 416 -21.69 -3.35 -17.11
CA THR C 416 -22.24 -2.30 -16.26
C THR C 416 -21.52 -2.14 -14.92
N THR C 417 -20.87 -3.18 -14.43
CA THR C 417 -20.27 -3.13 -13.09
C THR C 417 -18.97 -3.91 -13.08
N ILE C 418 -17.91 -3.28 -12.59
CA ILE C 418 -16.64 -3.94 -12.33
C ILE C 418 -16.47 -4.01 -10.82
N GLY C 419 -16.51 -5.22 -10.27
CA GLY C 419 -16.48 -5.41 -8.84
C GLY C 419 -15.18 -5.01 -8.19
N GLY C 420 -14.07 -5.62 -8.61
CA GLY C 420 -12.79 -5.35 -8.01
C GLY C 420 -12.50 -6.15 -6.76
N ARG C 421 -13.15 -7.30 -6.59
CA ARG C 421 -12.86 -8.14 -5.44
C ARG C 421 -11.44 -8.68 -5.48
N SER C 422 -10.92 -8.93 -6.67
CA SER C 422 -9.51 -9.25 -6.88
C SER C 422 -8.90 -8.18 -7.78
N LEU C 423 -7.71 -7.72 -7.42
CA LEU C 423 -7.08 -6.60 -8.09
C LEU C 423 -5.81 -7.05 -8.79
N TYR C 424 -5.41 -6.28 -9.81
CA TYR C 424 -4.24 -6.57 -10.63
C TYR C 424 -3.16 -5.56 -10.33
N ASN C 425 -1.93 -6.05 -10.15
CA ASN C 425 -0.74 -5.24 -9.90
C ASN C 425 -0.99 -4.43 -8.64
N ARG C 426 -0.85 -3.10 -8.65
CA ARG C 426 -0.97 -2.28 -7.44
C ARG C 426 -2.42 -1.83 -7.25
N GLY C 427 -3.25 -2.81 -6.90
CA GLY C 427 -4.64 -2.53 -6.58
C GLY C 427 -5.48 -2.02 -7.71
N PHE C 428 -5.08 -2.25 -8.96
CA PHE C 428 -5.83 -1.76 -10.11
C PHE C 428 -7.00 -2.68 -10.41
N SER C 429 -8.20 -2.11 -10.48
CA SER C 429 -9.37 -2.84 -10.96
C SER C 429 -9.64 -2.61 -12.44
N LEU C 430 -9.10 -1.54 -13.02
CA LEU C 430 -9.22 -1.26 -14.44
C LEU C 430 -7.86 -0.78 -14.93
N LEU C 431 -7.26 -1.51 -15.86
CA LEU C 431 -5.93 -1.20 -16.37
C LEU C 431 -5.96 -1.30 -17.90
N ILE C 432 -5.67 -0.18 -18.56
CA ILE C 432 -5.64 -0.11 -20.03
C ILE C 432 -4.37 0.63 -20.39
N MET C 433 -3.34 -0.12 -20.81
CA MET C 433 -2.04 0.47 -21.12
C MET C 433 -1.60 0.11 -22.53
N LYS C 434 -1.02 1.09 -23.21
CA LYS C 434 -0.38 0.93 -24.52
C LYS C 434 -1.29 0.18 -25.50
N ASN C 435 -2.45 0.79 -25.77
CA ASN C 435 -3.35 0.38 -26.84
C ASN C 435 -3.35 1.55 -27.82
N LEU C 436 -2.35 1.60 -28.69
CA LEU C 436 -2.08 2.68 -29.63
C LEU C 436 -3.15 2.83 -30.72
N ASN C 437 -4.24 2.06 -30.75
CA ASN C 437 -5.26 2.24 -31.77
C ASN C 437 -6.66 2.24 -31.16
N VAL C 438 -6.81 2.77 -29.95
CA VAL C 438 -8.10 2.88 -29.28
C VAL C 438 -8.49 4.35 -29.29
N THR C 439 -9.53 4.69 -30.06
CA THR C 439 -9.99 6.07 -30.13
C THR C 439 -10.79 6.45 -28.88
N SER C 440 -11.82 5.67 -28.56
CA SER C 440 -12.62 5.87 -27.37
C SER C 440 -12.69 4.57 -26.59
N LEU C 441 -13.00 4.68 -25.30
CA LEU C 441 -13.11 3.50 -24.45
C LEU C 441 -14.23 2.59 -24.92
N GLY C 442 -15.47 3.05 -24.83
CA GLY C 442 -16.61 2.31 -25.32
C GLY C 442 -17.46 1.64 -24.26
N PHE C 443 -17.07 1.71 -22.98
CA PHE C 443 -17.85 1.14 -21.89
C PHE C 443 -19.10 2.02 -21.70
N ARG C 444 -20.09 1.79 -22.57
CA ARG C 444 -21.26 2.65 -22.58
C ARG C 444 -22.11 2.48 -21.32
N SER C 445 -22.30 1.24 -20.87
CA SER C 445 -23.17 0.96 -19.74
C SER C 445 -22.42 0.87 -18.42
N LEU C 446 -21.09 0.97 -18.44
CA LEU C 446 -20.32 0.91 -17.20
C LEU C 446 -20.63 2.12 -16.33
N LYS C 447 -21.20 1.89 -15.15
CA LYS C 447 -21.61 2.97 -14.27
C LYS C 447 -21.22 2.75 -12.82
N GLU C 448 -20.44 1.73 -12.50
CA GLU C 448 -20.02 1.51 -11.12
C GLU C 448 -18.77 0.64 -11.09
N ILE C 449 -17.73 1.13 -10.41
CA ILE C 449 -16.55 0.36 -10.08
C ILE C 449 -16.42 0.38 -8.57
N SER C 450 -16.72 -0.75 -7.93
CA SER C 450 -16.90 -0.76 -6.48
C SER C 450 -15.61 -0.44 -5.73
N ALA C 451 -14.48 -0.93 -6.23
CA ALA C 451 -13.21 -0.72 -5.55
C ALA C 451 -12.08 -0.82 -6.56
N GLY C 452 -10.89 -0.44 -6.12
CA GLY C 452 -9.68 -0.58 -6.91
C GLY C 452 -9.24 0.73 -7.55
N ARG C 453 -7.96 0.79 -7.91
CA ARG C 453 -7.43 1.93 -8.62
C ARG C 453 -7.67 1.77 -10.11
N ILE C 454 -7.43 2.86 -10.86
CA ILE C 454 -7.69 2.90 -12.29
C ILE C 454 -6.43 3.38 -13.00
N TYR C 455 -6.01 2.64 -14.02
CA TYR C 455 -4.81 2.96 -14.79
C TYR C 455 -5.18 3.04 -16.27
N ILE C 456 -5.08 4.24 -16.84
CA ILE C 456 -5.30 4.42 -18.28
C ILE C 456 -4.17 5.26 -18.85
N SER C 457 -3.14 4.62 -19.40
CA SER C 457 -1.95 5.34 -19.85
C SER C 457 -1.42 4.72 -21.13
N ALA C 458 -0.49 5.44 -21.76
CA ALA C 458 0.24 5.00 -22.95
C ALA C 458 -0.66 4.79 -24.16
N ASN C 459 -1.89 5.31 -24.12
CA ASN C 459 -2.81 5.23 -25.26
C ASN C 459 -2.78 6.57 -25.98
N ARG C 460 -1.74 6.74 -26.80
CA ARG C 460 -1.44 8.04 -27.40
C ARG C 460 -2.40 8.42 -28.53
N GLN C 461 -3.56 7.74 -28.59
CA GLN C 461 -4.62 8.14 -29.51
C GLN C 461 -5.99 8.07 -28.87
N LEU C 462 -6.06 8.02 -27.54
CA LEU C 462 -7.32 7.91 -26.83
C LEU C 462 -7.84 9.29 -26.46
N CYS C 463 -9.12 9.54 -26.74
CA CYS C 463 -9.77 10.79 -26.34
C CYS C 463 -11.03 10.51 -25.54
N TYR C 464 -11.83 11.55 -25.32
CA TYR C 464 -13.14 11.46 -24.67
C TYR C 464 -13.05 11.10 -23.19
N HIS C 465 -11.90 10.58 -22.75
CA HIS C 465 -11.74 10.14 -21.37
C HIS C 465 -11.34 11.27 -20.43
N HIS C 466 -11.03 12.46 -20.96
CA HIS C 466 -10.51 13.53 -20.11
C HIS C 466 -11.58 14.14 -19.22
N SER C 467 -12.84 14.10 -19.66
CA SER C 467 -13.93 14.75 -18.94
C SER C 467 -14.78 13.77 -18.13
N LEU C 468 -14.32 12.53 -17.97
CA LEU C 468 -15.07 11.56 -17.18
C LEU C 468 -15.10 11.95 -15.71
N ASN C 469 -16.26 11.78 -15.08
CA ASN C 469 -16.43 12.05 -13.66
C ASN C 469 -16.27 10.74 -12.90
N TRP C 470 -15.00 10.39 -12.63
CA TRP C 470 -14.69 9.12 -11.99
C TRP C 470 -15.24 9.03 -10.57
N THR C 471 -15.52 10.17 -9.93
CA THR C 471 -16.09 10.14 -8.58
C THR C 471 -17.45 9.46 -8.56
N LYS C 472 -18.22 9.57 -9.64
CA LYS C 472 -19.52 8.90 -9.73
C LYS C 472 -19.35 7.41 -10.00
N VAL C 473 -18.34 7.02 -10.75
CA VAL C 473 -18.16 5.61 -11.09
C VAL C 473 -17.51 4.85 -9.96
N LEU C 474 -16.48 5.44 -9.32
CA LEU C 474 -15.73 4.75 -8.27
C LEU C 474 -16.44 4.71 -6.93
N ARG C 475 -17.53 5.46 -6.76
CA ARG C 475 -18.23 5.56 -5.49
C ARG C 475 -17.31 6.07 -4.38
N GLY C 476 -16.33 6.89 -4.76
CA GLY C 476 -15.34 7.37 -3.81
C GLY C 476 -14.81 8.75 -4.18
N PRO C 477 -13.76 9.19 -3.48
CA PRO C 477 -13.22 10.53 -3.68
C PRO C 477 -12.08 10.62 -4.69
N THR C 478 -11.67 9.51 -5.31
CA THR C 478 -10.55 9.48 -6.26
C THR C 478 -9.28 10.01 -5.63
N GLU C 479 -9.02 9.63 -4.37
CA GLU C 479 -7.79 9.98 -3.69
C GLU C 479 -6.63 9.13 -4.20
N GLU C 480 -5.91 9.63 -5.21
CA GLU C 480 -4.78 8.92 -5.81
C GLU C 480 -5.19 7.54 -6.32
N ARG C 481 -6.42 7.45 -6.83
CA ARG C 481 -6.93 6.23 -7.42
C ARG C 481 -6.99 6.29 -8.94
N LEU C 482 -6.57 7.40 -9.53
CA LEU C 482 -6.55 7.57 -10.97
C LEU C 482 -5.10 7.71 -11.44
N ASP C 483 -4.71 6.88 -12.41
CA ASP C 483 -3.36 6.90 -12.98
C ASP C 483 -3.50 7.06 -14.50
N ILE C 484 -3.88 8.26 -14.93
CA ILE C 484 -4.14 8.57 -16.32
C ILE C 484 -3.09 9.58 -16.78
N LYS C 485 -2.33 9.20 -17.81
CA LYS C 485 -1.23 10.03 -18.28
C LYS C 485 -0.74 9.50 -19.62
N HIS C 486 0.01 10.34 -20.32
CA HIS C 486 0.72 9.96 -21.56
C HIS C 486 -0.23 9.38 -22.62
N ASN C 487 -1.47 9.83 -22.63
CA ASN C 487 -2.41 9.44 -23.67
C ASN C 487 -2.36 10.45 -24.81
N ARG C 488 -3.51 10.82 -25.35
CA ARG C 488 -3.53 11.90 -26.30
C ARG C 488 -3.92 13.19 -25.57
N PRO C 489 -3.15 14.27 -25.73
CA PRO C 489 -3.41 15.48 -24.93
C PRO C 489 -4.80 16.04 -25.17
N ARG C 490 -5.32 16.72 -24.14
CA ARG C 490 -6.64 17.35 -24.27
C ARG C 490 -6.63 18.42 -25.35
N ARG C 491 -5.50 19.12 -25.50
CA ARG C 491 -5.40 20.16 -26.53
C ARG C 491 -5.59 19.58 -27.93
N ASP C 492 -5.13 18.35 -28.16
CA ASP C 492 -5.27 17.75 -29.48
C ASP C 492 -6.66 17.15 -29.70
N CYS C 493 -7.29 16.62 -28.65
CA CYS C 493 -8.63 16.06 -28.80
C CYS C 493 -9.65 17.17 -29.00
N VAL C 494 -9.52 18.28 -28.27
CA VAL C 494 -10.50 19.36 -28.38
C VAL C 494 -10.36 20.07 -29.72
N ALA C 495 -9.13 20.30 -30.18
CA ALA C 495 -8.92 21.02 -31.43
C ALA C 495 -9.48 20.25 -32.62
N GLU C 496 -9.48 18.91 -32.56
CA GLU C 496 -10.05 18.09 -33.60
C GLU C 496 -11.56 17.88 -33.43
N GLY C 497 -12.18 18.56 -32.46
CA GLY C 497 -13.61 18.41 -32.24
C GLY C 497 -14.03 17.06 -31.73
N LYS C 498 -13.10 16.27 -31.18
CA LYS C 498 -13.41 14.94 -30.68
C LYS C 498 -13.66 14.97 -29.17
N VAL C 499 -14.68 15.74 -28.78
CA VAL C 499 -15.05 15.87 -27.39
C VAL C 499 -16.42 15.23 -27.17
N CYS C 500 -17.05 15.54 -26.05
CA CYS C 500 -18.31 14.89 -25.70
C CYS C 500 -19.48 15.51 -26.46
N ASP C 501 -20.53 14.70 -26.63
CA ASP C 501 -21.72 15.15 -27.33
C ASP C 501 -22.44 16.21 -26.48
N PRO C 502 -23.01 17.24 -27.11
CA PRO C 502 -23.74 18.26 -26.34
C PRO C 502 -24.91 17.70 -25.54
N LEU C 503 -25.38 16.49 -25.84
CA LEU C 503 -26.46 15.89 -25.06
C LEU C 503 -25.97 15.26 -23.76
N CYS C 504 -24.69 14.93 -23.66
CA CYS C 504 -24.16 14.44 -22.40
C CYS C 504 -24.10 15.56 -21.37
N SER C 505 -24.12 15.19 -20.10
CA SER C 505 -24.05 16.15 -19.01
C SER C 505 -22.58 16.39 -18.66
N SER C 506 -22.32 16.92 -17.48
CA SER C 506 -20.95 17.17 -17.03
C SER C 506 -20.26 15.91 -16.51
N GLY C 507 -20.92 14.75 -16.58
CA GLY C 507 -20.34 13.52 -16.10
C GLY C 507 -19.37 12.85 -17.05
N GLY C 508 -19.25 13.34 -18.27
CA GLY C 508 -18.32 12.79 -19.24
C GLY C 508 -19.01 11.87 -20.23
N CYS C 509 -18.21 11.32 -21.13
CA CYS C 509 -18.70 10.45 -22.19
C CYS C 509 -17.61 9.46 -22.57
N TRP C 510 -18.03 8.23 -22.86
CA TRP C 510 -17.10 7.17 -23.28
C TRP C 510 -16.82 7.20 -24.77
N GLY C 511 -17.16 8.29 -25.46
CA GLY C 511 -16.95 8.39 -26.87
C GLY C 511 -17.92 9.34 -27.55
N PRO C 512 -17.95 9.34 -28.87
CA PRO C 512 -18.86 10.23 -29.60
C PRO C 512 -20.26 9.65 -29.71
N GLY C 513 -21.23 10.55 -29.76
CA GLY C 513 -22.62 10.16 -29.93
C GLY C 513 -23.44 10.36 -28.68
N PRO C 514 -24.77 10.36 -28.83
CA PRO C 514 -25.65 10.50 -27.66
C PRO C 514 -25.71 9.26 -26.79
N GLY C 515 -25.32 8.10 -27.31
CA GLY C 515 -25.39 6.87 -26.53
C GLY C 515 -24.21 6.71 -25.59
N GLN C 516 -23.04 7.16 -26.01
CA GLN C 516 -21.80 6.96 -25.25
C GLN C 516 -21.68 7.89 -24.04
N CYS C 517 -22.76 8.52 -23.59
CA CYS C 517 -22.68 9.37 -22.40
C CYS C 517 -22.77 8.53 -21.14
N LEU C 518 -22.18 9.06 -20.06
CA LEU C 518 -22.36 8.46 -18.74
C LEU C 518 -23.74 8.80 -18.19
N SER C 519 -24.07 10.09 -18.14
CA SER C 519 -25.38 10.58 -17.76
C SER C 519 -25.85 11.59 -18.79
N CYS C 520 -27.16 11.69 -18.94
CA CYS C 520 -27.77 12.56 -19.95
C CYS C 520 -28.13 13.91 -19.36
N ARG C 521 -28.09 14.94 -20.21
CA ARG C 521 -28.46 16.28 -19.76
C ARG C 521 -29.95 16.39 -19.45
N ASN C 522 -30.77 15.57 -20.10
CA ASN C 522 -32.22 15.67 -19.90
C ASN C 522 -32.87 14.31 -19.74
N TYR C 523 -32.94 13.53 -20.81
CA TYR C 523 -33.62 12.24 -20.77
C TYR C 523 -32.87 11.22 -21.62
N SER C 524 -33.09 9.96 -21.30
CA SER C 524 -32.48 8.84 -22.01
C SER C 524 -33.56 7.85 -22.43
N ARG C 525 -33.56 7.49 -23.71
CA ARG C 525 -34.50 6.50 -24.24
C ARG C 525 -33.69 5.31 -24.74
N GLY C 526 -33.73 4.21 -23.99
CA GLY C 526 -33.01 3.01 -24.36
C GLY C 526 -31.51 3.13 -24.27
N GLY C 527 -31.00 3.86 -23.27
CA GLY C 527 -29.58 4.05 -23.13
C GLY C 527 -28.98 5.12 -24.00
N VAL C 528 -29.78 5.78 -24.84
CA VAL C 528 -29.31 6.85 -25.72
C VAL C 528 -29.89 8.16 -25.21
N CYS C 529 -29.03 9.15 -25.01
CA CYS C 529 -29.47 10.44 -24.52
C CYS C 529 -30.30 11.17 -25.57
N VAL C 530 -31.48 11.63 -25.18
CA VAL C 530 -32.38 12.35 -26.05
C VAL C 530 -32.72 13.69 -25.43
N THR C 531 -33.25 14.59 -26.26
CA THR C 531 -33.60 15.92 -25.77
C THR C 531 -34.86 15.91 -24.92
N HIS C 532 -35.73 14.93 -25.11
CA HIS C 532 -37.01 14.88 -24.42
C HIS C 532 -37.62 13.50 -24.60
N CYS C 533 -38.59 13.18 -23.74
CA CYS C 533 -39.40 11.98 -23.92
C CYS C 533 -40.58 12.34 -24.81
N ASN C 534 -41.63 11.52 -24.79
CA ASN C 534 -42.83 11.74 -25.58
C ASN C 534 -44.01 11.95 -24.64
N PHE C 535 -44.02 13.08 -23.94
CA PHE C 535 -45.11 13.39 -23.03
C PHE C 535 -46.35 13.87 -23.79
N LEU C 536 -46.15 14.72 -24.78
CA LEU C 536 -47.26 15.32 -25.51
C LEU C 536 -47.37 14.88 -26.95
N ASN C 537 -46.31 14.29 -27.52
CA ASN C 537 -46.32 13.86 -28.90
C ASN C 537 -45.20 12.85 -29.10
N GLY C 538 -45.42 11.91 -30.01
CA GLY C 538 -44.42 10.91 -30.31
C GLY C 538 -45.06 9.63 -30.79
N GLU C 539 -44.23 8.79 -31.40
CA GLU C 539 -44.69 7.49 -31.87
C GLU C 539 -45.10 6.59 -30.72
N PRO C 540 -44.33 6.46 -29.62
CA PRO C 540 -44.91 5.88 -28.40
C PRO C 540 -45.01 6.90 -27.27
N ARG C 541 -46.19 7.09 -26.71
CA ARG C 541 -46.31 8.00 -25.59
C ARG C 541 -45.51 7.50 -24.40
N GLU C 542 -44.73 8.40 -23.80
CA GLU C 542 -43.81 8.03 -22.74
C GLU C 542 -44.02 8.87 -21.50
N PHE C 543 -43.46 8.38 -20.39
CA PHE C 543 -43.44 9.07 -19.11
C PHE C 543 -42.01 9.06 -18.59
N ALA C 544 -41.72 10.01 -17.71
CA ALA C 544 -40.40 10.16 -17.12
C ALA C 544 -40.33 9.44 -15.77
N HIS C 545 -39.22 8.74 -15.55
CA HIS C 545 -38.92 8.14 -14.26
C HIS C 545 -37.42 8.17 -14.07
N GLU C 546 -36.95 9.09 -13.22
CA GLU C 546 -35.52 9.27 -12.98
C GLU C 546 -34.79 9.63 -14.27
N ALA C 547 -35.37 10.59 -15.00
CA ALA C 547 -34.79 11.11 -16.25
C ALA C 547 -34.61 10.02 -17.29
N GLU C 548 -35.51 9.05 -17.32
CA GLU C 548 -35.48 7.97 -18.30
C GLU C 548 -36.86 7.80 -18.90
N CYS C 549 -36.93 7.70 -20.23
CA CYS C 549 -38.19 7.58 -20.94
C CYS C 549 -38.63 6.13 -20.98
N PHE C 550 -39.86 5.87 -20.51
CA PHE C 550 -40.47 4.54 -20.58
C PHE C 550 -41.80 4.66 -21.30
N SER C 551 -42.04 3.78 -22.27
CA SER C 551 -43.33 3.77 -22.95
C SER C 551 -44.44 3.40 -21.96
N CYS C 552 -45.65 3.88 -22.25
CA CYS C 552 -46.78 3.71 -21.36
C CYS C 552 -47.65 2.54 -21.80
N HIS C 553 -48.66 2.25 -20.98
CA HIS C 553 -49.49 1.08 -21.19
C HIS C 553 -50.30 1.23 -22.48
N PRO C 554 -50.40 0.17 -23.29
CA PRO C 554 -51.16 0.28 -24.55
C PRO C 554 -52.64 0.52 -24.36
N GLU C 555 -53.21 0.17 -23.21
CA GLU C 555 -54.63 0.34 -22.97
C GLU C 555 -54.95 1.77 -22.53
N CYS C 556 -54.20 2.74 -23.02
CA CYS C 556 -54.34 4.13 -22.61
C CYS C 556 -54.49 5.02 -23.83
N GLN C 557 -55.48 5.89 -23.79
CA GLN C 557 -55.75 6.79 -24.91
C GLN C 557 -54.61 7.79 -25.05
N PRO C 558 -53.94 7.87 -26.19
CA PRO C 558 -52.90 8.89 -26.39
C PRO C 558 -53.52 10.29 -26.37
N MET C 559 -53.02 11.12 -25.46
CA MET C 559 -53.53 12.48 -25.29
C MET C 559 -52.66 13.45 -26.08
N GLU C 560 -53.31 14.35 -26.81
CA GLU C 560 -52.62 15.35 -27.62
C GLU C 560 -52.49 16.65 -26.82
N GLY C 561 -51.26 17.13 -26.67
CA GLY C 561 -50.99 18.36 -25.95
C GLY C 561 -50.92 18.25 -24.45
N THR C 562 -51.48 17.18 -23.87
CA THR C 562 -51.48 16.98 -22.43
C THR C 562 -50.76 15.67 -22.10
N ALA C 563 -50.49 15.49 -20.81
CA ALA C 563 -49.85 14.27 -20.35
C ALA C 563 -50.76 13.07 -20.56
N THR C 564 -50.14 11.91 -20.79
CA THR C 564 -50.86 10.68 -21.07
C THR C 564 -50.86 9.70 -19.91
N CYS C 565 -49.85 9.74 -19.05
CA CYS C 565 -49.68 8.70 -18.05
C CYS C 565 -48.73 9.18 -16.96
N ASN C 566 -48.92 8.65 -15.75
CA ASN C 566 -47.99 8.87 -14.64
C ASN C 566 -46.86 7.84 -14.66
N GLY C 567 -47.22 6.56 -14.71
CA GLY C 567 -46.23 5.50 -14.78
C GLY C 567 -46.52 4.51 -15.89
N SER C 568 -45.92 3.33 -15.81
CA SER C 568 -46.08 2.31 -16.85
C SER C 568 -47.26 1.38 -16.58
N GLY C 569 -47.98 1.56 -15.47
CA GLY C 569 -49.11 0.71 -15.18
C GLY C 569 -50.37 1.12 -15.91
N SER C 570 -51.32 0.18 -15.97
CA SER C 570 -52.61 0.45 -16.60
C SER C 570 -53.53 1.30 -15.74
N ASP C 571 -53.13 1.57 -14.50
CA ASP C 571 -53.93 2.39 -13.59
C ASP C 571 -53.38 3.79 -13.41
N THR C 572 -52.28 4.13 -14.08
CA THR C 572 -51.65 5.44 -13.94
C THR C 572 -51.90 6.34 -15.14
N CYS C 573 -52.85 5.99 -16.00
CA CYS C 573 -53.05 6.71 -17.25
C CYS C 573 -54.12 7.79 -17.11
N ALA C 574 -54.10 8.73 -18.05
CA ALA C 574 -55.05 9.85 -18.01
C ALA C 574 -56.44 9.40 -18.43
N GLN C 575 -56.58 8.93 -19.67
CA GLN C 575 -57.86 8.50 -20.21
C GLN C 575 -57.74 7.09 -20.76
N CYS C 576 -58.69 6.23 -20.43
CA CYS C 576 -58.65 4.85 -20.91
C CYS C 576 -58.85 4.80 -22.42
N ALA C 577 -58.13 3.89 -23.07
CA ALA C 577 -58.25 3.76 -24.52
C ALA C 577 -59.57 3.10 -24.92
N HIS C 578 -60.14 2.27 -24.05
CA HIS C 578 -61.38 1.58 -24.37
C HIS C 578 -62.33 1.56 -23.18
N PHE C 579 -62.03 0.75 -22.17
CA PHE C 579 -62.89 0.58 -21.02
C PHE C 579 -62.09 0.74 -19.73
N ARG C 580 -62.83 0.80 -18.61
CA ARG C 580 -62.24 0.96 -17.29
C ARG C 580 -62.90 -0.01 -16.34
N ASP C 581 -62.11 -0.91 -15.76
CA ASP C 581 -62.57 -1.89 -14.77
C ASP C 581 -61.95 -1.49 -13.44
N GLY C 582 -62.69 -0.69 -12.66
CA GLY C 582 -62.19 -0.17 -11.41
C GLY C 582 -61.18 0.94 -11.63
N PRO C 583 -59.94 0.72 -11.19
CA PRO C 583 -58.89 1.71 -11.43
C PRO C 583 -58.13 1.48 -12.72
N HIS C 584 -58.14 0.23 -13.21
CA HIS C 584 -57.37 -0.14 -14.38
C HIS C 584 -58.15 0.11 -15.66
N CYS C 585 -57.42 0.47 -16.71
CA CYS C 585 -57.98 0.56 -18.05
C CYS C 585 -57.82 -0.80 -18.73
N VAL C 586 -58.95 -1.41 -19.10
CA VAL C 586 -58.94 -2.74 -19.69
C VAL C 586 -59.46 -2.65 -21.12
N SER C 587 -59.17 -3.70 -21.90
CA SER C 587 -59.66 -3.79 -23.27
C SER C 587 -61.10 -4.29 -23.35
N SER C 588 -61.55 -5.05 -22.34
CA SER C 588 -62.90 -5.57 -22.31
C SER C 588 -63.28 -5.85 -20.87
N CYS C 589 -64.58 -5.89 -20.61
CA CYS C 589 -65.06 -6.18 -19.28
C CYS C 589 -64.99 -7.67 -18.98
N PRO C 590 -64.73 -8.03 -17.71
CA PRO C 590 -64.64 -9.46 -17.36
C PRO C 590 -65.91 -10.22 -17.70
N HIS C 591 -65.85 -11.05 -18.74
CA HIS C 591 -66.99 -11.80 -19.24
C HIS C 591 -66.67 -13.29 -19.13
N GLY C 592 -66.76 -13.81 -17.91
CA GLY C 592 -66.52 -15.21 -17.64
C GLY C 592 -65.22 -15.53 -16.92
N VAL C 593 -64.50 -14.54 -16.42
CA VAL C 593 -63.25 -14.78 -15.72
C VAL C 593 -63.56 -15.38 -14.35
N LEU C 594 -62.81 -16.42 -13.99
CA LEU C 594 -63.04 -17.11 -12.72
C LEU C 594 -62.70 -16.20 -11.54
N GLY C 595 -63.52 -16.30 -10.50
CA GLY C 595 -63.29 -15.54 -9.28
C GLY C 595 -63.30 -16.43 -8.05
N ALA C 596 -63.26 -15.81 -6.86
CA ALA C 596 -63.26 -16.58 -5.62
C ALA C 596 -64.60 -17.28 -5.37
N LYS C 597 -65.67 -16.84 -6.02
CA LYS C 597 -66.98 -17.43 -5.86
C LYS C 597 -67.52 -18.08 -7.13
N GLY C 598 -66.90 -17.83 -8.28
CA GLY C 598 -67.36 -18.40 -9.53
C GLY C 598 -66.99 -17.51 -10.71
N PRO C 599 -67.74 -17.63 -11.81
CA PRO C 599 -67.48 -16.76 -12.96
C PRO C 599 -67.98 -15.34 -12.72
N ILE C 600 -67.14 -14.37 -13.10
CA ILE C 600 -67.46 -12.96 -12.94
C ILE C 600 -67.89 -12.41 -14.29
N TYR C 601 -69.04 -11.73 -14.31
CA TYR C 601 -69.57 -11.11 -15.51
C TYR C 601 -69.85 -9.64 -15.25
N LYS C 602 -69.31 -8.77 -16.10
CA LYS C 602 -69.53 -7.33 -15.98
C LYS C 602 -69.95 -6.77 -17.33
N TYR C 603 -70.78 -5.73 -17.28
CA TYR C 603 -71.30 -5.11 -18.50
C TYR C 603 -70.74 -3.70 -18.67
N PRO C 604 -70.52 -3.28 -19.91
CA PRO C 604 -70.05 -1.90 -20.15
C PRO C 604 -71.15 -0.90 -19.81
N ASP C 605 -70.78 0.11 -19.03
CA ASP C 605 -71.72 1.16 -18.65
C ASP C 605 -71.91 2.12 -19.82
N VAL C 606 -72.66 3.19 -19.57
CA VAL C 606 -72.89 4.20 -20.60
C VAL C 606 -71.59 4.92 -20.94
N GLN C 607 -70.67 5.02 -19.98
CA GLN C 607 -69.38 5.66 -20.18
C GLN C 607 -68.22 4.68 -20.05
N ASN C 608 -68.43 3.46 -20.55
CA ASN C 608 -67.38 2.45 -20.66
C ASN C 608 -66.74 2.11 -19.32
N GLU C 609 -67.57 1.99 -18.29
CA GLU C 609 -67.14 1.49 -16.99
C GLU C 609 -67.68 0.08 -16.79
N CYS C 610 -66.79 -0.85 -16.47
CA CYS C 610 -67.17 -2.25 -16.29
C CYS C 610 -67.89 -2.38 -14.95
N ARG C 611 -69.22 -2.44 -14.99
CA ARG C 611 -70.05 -2.58 -13.81
C ARG C 611 -70.62 -3.99 -13.71
N PRO C 612 -70.92 -4.47 -12.50
CA PRO C 612 -71.31 -5.88 -12.36
C PRO C 612 -72.70 -6.16 -12.90
N CYS C 613 -72.84 -7.33 -13.52
CA CYS C 613 -74.14 -7.85 -13.92
C CYS C 613 -74.92 -8.30 -12.69
N HIS C 614 -76.21 -8.58 -12.89
CA HIS C 614 -77.06 -9.03 -11.80
C HIS C 614 -76.58 -10.37 -11.27
N GLU C 615 -76.76 -10.58 -9.96
CA GLU C 615 -76.25 -11.78 -9.32
C GLU C 615 -76.90 -13.04 -9.90
N ASN C 616 -78.23 -13.09 -9.90
CA ASN C 616 -78.96 -14.26 -10.39
C ASN C 616 -78.98 -14.36 -11.90
N CYS C 617 -77.84 -14.16 -12.55
CA CYS C 617 -77.75 -14.20 -14.00
C CYS C 617 -76.53 -14.97 -14.44
N THR C 618 -76.69 -15.75 -15.51
CA THR C 618 -75.61 -16.57 -16.07
C THR C 618 -75.34 -16.16 -17.50
N GLN C 619 -74.10 -16.41 -17.94
CA GLN C 619 -73.68 -16.14 -19.32
C GLN C 619 -73.83 -14.66 -19.68
N GLY C 620 -73.26 -13.80 -18.84
CA GLY C 620 -73.21 -12.39 -19.13
C GLY C 620 -74.58 -11.71 -19.10
N CYS C 621 -74.56 -10.43 -19.46
CA CYS C 621 -75.75 -9.61 -19.48
C CYS C 621 -75.46 -8.35 -20.31
N LYS C 622 -76.51 -7.56 -20.54
CA LYS C 622 -76.38 -6.30 -21.27
C LYS C 622 -76.44 -5.08 -20.37
N GLY C 623 -77.10 -5.18 -19.21
CA GLY C 623 -77.22 -4.07 -18.29
C GLY C 623 -77.47 -4.53 -16.88
N PRO C 624 -77.68 -3.59 -15.96
CA PRO C 624 -77.83 -3.96 -14.55
C PRO C 624 -79.15 -4.66 -14.22
N GLU C 625 -80.16 -4.49 -15.06
CA GLU C 625 -81.48 -5.03 -14.76
C GLU C 625 -81.48 -6.56 -14.87
N LEU C 626 -82.60 -7.16 -14.47
CA LEU C 626 -82.72 -8.61 -14.48
C LEU C 626 -82.92 -9.14 -15.90
N GLN C 627 -83.80 -8.50 -16.67
CA GLN C 627 -84.11 -8.97 -18.02
C GLN C 627 -83.00 -8.67 -19.01
N ASP C 628 -81.99 -7.89 -18.63
CA ASP C 628 -80.86 -7.60 -19.51
C ASP C 628 -79.87 -8.75 -19.60
N CYS C 629 -80.21 -9.94 -19.13
CA CYS C 629 -79.27 -11.04 -19.01
C CYS C 629 -79.40 -12.01 -20.17
N LEU C 630 -78.41 -12.90 -20.29
CA LEU C 630 -78.30 -13.86 -21.37
C LEU C 630 -78.33 -13.16 -22.73
C1 NAG D . -15.45 1.94 -32.81
C2 NAG D . -16.25 3.17 -33.24
C3 NAG D . -16.62 3.09 -34.72
C4 NAG D . -15.37 2.85 -35.56
C5 NAG D . -14.67 1.59 -35.08
C6 NAG D . -13.37 1.32 -35.81
C7 NAG D . -17.67 4.41 -31.66
C8 NAG D . -18.95 4.40 -30.88
N2 NAG D . -17.44 3.33 -32.42
O3 NAG D . -17.27 4.28 -35.12
O4 NAG D . -15.67 2.79 -36.95
O5 NAG D . -14.33 1.74 -33.69
O6 NAG D . -12.57 0.38 -35.11
O7 NAG D . -16.87 5.34 -31.61
C1 NAG D . -16.61 1.76 -37.29
C2 NAG D . -17.57 2.34 -38.33
C3 NAG D . -18.54 1.27 -38.83
C4 NAG D . -17.77 0.06 -39.33
C5 NAG D . -16.82 -0.44 -38.24
C6 NAG D . -15.95 -1.59 -38.71
C7 NAG D . -18.34 4.67 -38.40
C8 NAG D . -19.14 5.74 -37.71
N2 NAG D . -18.30 3.49 -37.80
O3 NAG D . -19.34 1.80 -39.88
O4 NAG D . -18.68 -0.99 -39.68
O5 NAG D . -15.95 0.62 -37.84
O6 NAG D . -14.57 -1.22 -38.69
O7 NAG D . -17.77 4.88 -39.47
C1 NAG E . -19.25 14.27 -10.31
C2 NAG E . -19.79 15.69 -10.21
C3 NAG E . -19.72 16.17 -8.76
C4 NAG E . -20.35 15.15 -7.81
C5 NAG E . -19.88 13.72 -8.11
C6 NAG E . -20.66 12.66 -7.37
C7 NAG E . -19.42 16.89 -12.32
C8 NAG E . -18.53 17.84 -13.06
N2 NAG E . -19.04 16.59 -11.08
O3 NAG E . -20.41 17.42 -8.66
O4 NAG E . -19.92 15.49 -6.50
O5 NAG E . -20.01 13.43 -9.51
O6 NAG E . -21.55 11.97 -8.25
O7 NAG E . -20.44 16.44 -12.83
C1 NAG E . -20.96 15.48 -5.49
C2 NAG E . -20.50 16.32 -4.30
C3 NAG E . -21.52 16.22 -3.17
C4 NAG E . -22.91 16.57 -3.67
C5 NAG E . -23.26 15.74 -4.91
C6 NAG E . -24.57 16.15 -5.54
C7 NAG E . -18.05 16.50 -4.26
C8 NAG E . -16.77 15.94 -3.69
N2 NAG E . -19.18 15.91 -3.84
O3 NAG E . -21.14 17.09 -2.11
O4 NAG E . -23.87 16.32 -2.65
O5 NAG E . -22.24 15.91 -5.92
O6 NAG E . -25.63 15.29 -5.12
O7 NAG E . -18.05 17.42 -5.06
C1 NAG F . -26.52 -19.15 -26.37
C2 NAG F . -26.56 -20.66 -26.69
C3 NAG F . -27.28 -20.90 -28.01
C4 NAG F . -28.66 -20.24 -27.99
C5 NAG F . -28.53 -18.77 -27.63
C6 NAG F . -29.87 -18.08 -27.49
C7 NAG F . -24.63 -21.77 -25.66
C8 NAG F . -23.25 -22.30 -25.88
N2 NAG F . -25.22 -21.22 -26.73
O3 NAG F . -27.41 -22.31 -28.22
O4 NAG F . -29.27 -20.37 -29.26
O5 NAG F . -27.85 -18.62 -26.38
O6 NAG F . -29.73 -16.82 -26.83
O7 NAG F . -25.19 -21.84 -24.57
C1 NAG G . -27.11 -6.23 -24.14
C2 NAG G . -27.46 -7.46 -24.98
C3 NAG G . -28.76 -7.23 -25.76
C4 NAG G . -29.87 -6.79 -24.82
C5 NAG G . -29.43 -5.59 -23.99
C6 NAG G . -30.45 -5.17 -22.96
C7 NAG G . -26.17 -9.02 -26.39
C8 NAG G . -25.01 -9.17 -27.30
N2 NAG G . -26.36 -7.79 -25.89
O3 NAG G . -29.12 -8.42 -26.44
O4 NAG G . -31.03 -6.46 -25.57
O5 NAG G . -28.22 -5.91 -23.29
O6 NAG G . -29.85 -5.03 -21.68
O7 NAG G . -26.91 -9.96 -26.10
C1 NAG H . -2.71 0.76 -35.70
C2 NAG H . -3.32 1.43 -36.92
C3 NAG H . -2.27 1.65 -38.00
C4 NAG H . -1.08 2.41 -37.43
C5 NAG H . -0.54 1.69 -36.19
C6 NAG H . 0.56 2.45 -35.51
C7 NAG H . -5.54 1.20 -37.94
C8 NAG H . -6.59 0.24 -38.43
N2 NAG H . -4.44 0.65 -37.43
O3 NAG H . -2.84 2.38 -39.07
O4 NAG H . -0.06 2.50 -38.40
O5 NAG H . -1.59 1.54 -35.23
O6 NAG H . 0.11 3.09 -34.32
O7 NAG H . -5.69 2.42 -38.01
C1 NAG I . -32.09 21.84 -21.63
C2 NAG I . -32.36 22.50 -20.28
C3 NAG I . -32.77 23.96 -20.48
C4 NAG I . -31.74 24.69 -21.35
C5 NAG I . -31.52 23.93 -22.65
C6 NAG I . -30.43 24.53 -23.51
C7 NAG I . -33.13 21.12 -18.41
C8 NAG I . -34.31 20.44 -17.78
N2 NAG I . -33.39 21.79 -19.54
O3 NAG I . -32.89 24.60 -19.22
O4 NAG I . -32.18 26.01 -21.63
O5 NAG I . -31.13 22.58 -22.37
O6 NAG I . -29.71 23.53 -24.20
O7 NAG I . -32.01 21.06 -17.92
#